data_3EYT
#
_entry.id   3EYT
#
_cell.length_a   65.543
_cell.length_b   76.800
_cell.length_c   137.137
_cell.angle_alpha   90.00
_cell.angle_beta   90.00
_cell.angle_gamma   90.00
#
_symmetry.space_group_name_H-M   'P 21 21 21'
#
loop_
_entity.id
_entity.type
_entity.pdbx_description
1 polymer 'uncharacterized protein SPOA0173'
2 non-polymer 1,2-ETHANEDIOL
3 non-polymer 'ACETIC ACID'
4 water water
#
_entity_poly.entity_id   1
_entity_poly.type   'polypeptide(L)'
_entity_poly.pdbx_seq_one_letter_code
;SNA(MSE)KAPELQIQQWFNSATDLTLADLRGKVIVIEAFQ(MSE)LCPGCV(MSE)HGIPLAQKVRAAFPEDKVAVLGL
HTVFEHHEA(MSE)TPISLKAFLHEYRIKFPVGVDQPGDGA(MSE)PRT(MSE)AAYQ(MSE)RGTPSLLLIDKAGDLRA
HHFGDVSELLLGAEIATLLGEAAPSV
;
_entity_poly.pdbx_strand_id   A,B,C,D
#
loop_
_chem_comp.id
_chem_comp.type
_chem_comp.name
_chem_comp.formula
ACY non-polymer 'ACETIC ACID' 'C2 H4 O2'
EDO non-polymer 1,2-ETHANEDIOL 'C2 H6 O2'
#
# COMPACT_ATOMS: atom_id res chain seq x y z
N SER A 1 -31.85 2.30 -29.38
CA SER A 1 -30.41 2.55 -29.71
C SER A 1 -29.60 1.25 -29.92
N ASN A 2 -28.41 1.43 -30.49
CA ASN A 2 -27.34 0.44 -30.40
C ASN A 2 -26.53 0.60 -29.10
N ALA A 3 -27.05 1.40 -28.15
CA ALA A 3 -26.41 1.57 -26.83
C ALA A 3 -26.54 0.26 -26.02
N MSE A 4 -25.65 0.08 -25.06
CA MSE A 4 -25.64 -1.11 -24.21
C MSE A 4 -25.63 -0.72 -22.73
O MSE A 4 -25.18 0.39 -22.34
CB MSE A 4 -24.43 -1.98 -24.53
N LYS A 5 -26.15 -1.62 -21.89
CA LYS A 5 -26.18 -1.36 -20.46
C LYS A 5 -24.78 -1.14 -19.89
N ALA A 6 -24.60 -0.09 -19.08
CA ALA A 6 -23.31 0.13 -18.40
C ALA A 6 -23.03 -1.00 -17.40
N PRO A 7 -21.85 -1.68 -17.50
CA PRO A 7 -21.60 -2.72 -16.48
C PRO A 7 -21.63 -2.16 -15.03
N GLU A 8 -22.05 -2.99 -14.09
N GLU A 8 -22.06 -2.97 -14.08
CA GLU A 8 -22.16 -2.58 -12.69
CA GLU A 8 -22.19 -2.49 -12.71
C GLU A 8 -20.77 -2.23 -12.14
C GLU A 8 -20.79 -2.23 -12.14
N LEU A 9 -20.69 -1.23 -11.27
CA LEU A 9 -19.40 -0.91 -10.64
C LEU A 9 -18.94 -2.05 -9.75
N GLN A 10 -17.64 -2.32 -9.79
CA GLN A 10 -17.05 -3.31 -8.87
C GLN A 10 -16.07 -2.54 -8.00
N ILE A 11 -16.50 -2.19 -6.80
CA ILE A 11 -15.81 -1.24 -5.97
C ILE A 11 -15.32 -1.98 -4.73
N GLN A 12 -14.10 -1.67 -4.31
CA GLN A 12 -13.52 -2.25 -3.08
C GLN A 12 -13.90 -1.43 -1.84
N GLN A 13 -13.94 -0.10 -2.00
CA GLN A 13 -14.42 0.80 -0.94
C GLN A 13 -14.73 2.19 -1.49
N TRP A 14 -15.58 2.93 -0.76
CA TRP A 14 -16.06 4.25 -1.19
C TRP A 14 -15.52 5.31 -0.24
N PHE A 15 -15.18 6.46 -0.80
CA PHE A 15 -14.82 7.62 0.01
C PHE A 15 -15.89 8.65 -0.27
N ASN A 16 -16.17 9.51 0.70
CA ASN A 16 -17.17 10.54 0.54
C ASN A 16 -18.57 9.99 0.29
N SER A 17 -18.91 8.84 0.86
CA SER A 17 -20.26 8.30 0.61
C SER A 17 -20.74 7.57 1.82
N ALA A 18 -21.95 7.91 2.26
CA ALA A 18 -22.55 7.27 3.42
C ALA A 18 -22.93 5.82 3.14
N THR A 19 -23.21 5.51 1.87
CA THR A 19 -23.62 4.17 1.45
C THR A 19 -22.76 3.61 0.30
N ASP A 20 -22.86 2.29 0.07
CA ASP A 20 -22.17 1.59 -1.03
C ASP A 20 -22.97 1.84 -2.29
N LEU A 21 -22.65 2.92 -3.02
CA LEU A 21 -23.43 3.32 -4.19
C LEU A 21 -23.36 2.31 -5.29
N THR A 22 -24.49 2.05 -5.94
CA THR A 22 -24.50 1.26 -7.17
C THR A 22 -25.17 2.10 -8.27
N LEU A 23 -24.91 1.72 -9.52
CA LEU A 23 -25.61 2.36 -10.64
C LEU A 23 -27.14 2.19 -10.53
N ALA A 24 -27.59 1.08 -9.93
CA ALA A 24 -29.01 0.85 -9.71
C ALA A 24 -29.61 1.86 -8.73
N ASP A 25 -28.89 2.19 -7.63
CA ASP A 25 -29.32 3.29 -6.73
C ASP A 25 -29.52 4.60 -7.48
N LEU A 26 -28.84 4.77 -8.62
CA LEU A 26 -28.77 6.06 -9.30
C LEU A 26 -29.64 6.15 -10.54
N ARG A 27 -30.38 5.08 -10.80
CA ARG A 27 -31.37 5.01 -11.87
C ARG A 27 -32.29 6.23 -11.87
N GLY A 28 -32.45 6.87 -13.03
CA GLY A 28 -33.24 8.11 -13.11
C GLY A 28 -32.39 9.38 -13.12
N LYS A 29 -31.12 9.23 -12.74
CA LYS A 29 -30.16 10.32 -12.83
C LYS A 29 -29.24 10.06 -14.02
N VAL A 30 -28.75 11.14 -14.62
CA VAL A 30 -27.64 11.04 -15.57
C VAL A 30 -26.37 10.88 -14.71
N ILE A 31 -25.48 9.94 -15.05
CA ILE A 31 -24.35 9.66 -14.17
C ILE A 31 -23.07 10.00 -14.92
N VAL A 32 -22.22 10.82 -14.30
CA VAL A 32 -20.92 11.16 -14.86
C VAL A 32 -19.85 10.47 -14.00
N ILE A 33 -19.01 9.65 -14.63
CA ILE A 33 -17.94 8.96 -13.91
C ILE A 33 -16.60 9.41 -14.44
N GLU A 34 -15.75 9.89 -13.52
CA GLU A 34 -14.38 10.30 -13.85
C GLU A 34 -13.45 9.19 -13.35
N ALA A 35 -12.86 8.43 -14.26
CA ALA A 35 -11.89 7.41 -13.86
C ALA A 35 -10.52 8.03 -13.95
N PHE A 36 -9.78 7.93 -12.84
CA PHE A 36 -8.50 8.64 -12.70
C PHE A 36 -7.51 7.82 -11.85
N GLN A 37 -6.22 8.19 -11.96
CA GLN A 37 -5.18 7.79 -11.03
C GLN A 37 -4.67 9.04 -10.36
N MSE A 38 -4.45 8.96 -9.05
CA MSE A 38 -4.09 10.15 -8.28
C MSE A 38 -2.68 10.66 -8.62
O MSE A 38 -2.39 11.84 -8.40
CB MSE A 38 -4.20 9.86 -6.78
CG MSE A 38 -3.42 8.62 -6.36
SE MSE A 38 -3.41 8.40 -4.40
CE MSE A 38 -2.04 9.72 -3.97
N LEU A 39 -1.83 9.80 -9.15
CA LEU A 39 -0.47 10.22 -9.56
C LEU A 39 -0.35 10.44 -11.06
N CYS A 40 -1.49 10.56 -11.72
CA CYS A 40 -1.50 10.82 -13.17
C CYS A 40 -1.63 12.34 -13.33
N PRO A 41 -0.59 13.01 -13.87
CA PRO A 41 -0.56 14.48 -13.94
C PRO A 41 -1.76 15.01 -14.70
N GLY A 42 -2.14 14.33 -15.78
CA GLY A 42 -3.33 14.75 -16.56
C GLY A 42 -4.65 14.63 -15.81
N CYS A 43 -4.78 13.58 -14.98
CA CYS A 43 -5.93 13.46 -14.09
C CYS A 43 -5.99 14.63 -13.12
N VAL A 44 -4.85 14.98 -12.51
CA VAL A 44 -4.87 16.05 -11.48
C VAL A 44 -5.10 17.46 -12.09
N MSE A 45 -4.51 17.71 -13.25
CA MSE A 45 -4.60 19.02 -13.92
C MSE A 45 -5.95 19.22 -14.64
O MSE A 45 -6.52 20.31 -14.59
CB MSE A 45 -3.51 19.13 -14.98
CG MSE A 45 -2.28 19.87 -14.58
SE MSE A 45 -1.79 20.83 -16.23
CE MSE A 45 -3.11 22.28 -16.15
N HIS A 46 -6.41 18.19 -15.35
CA HIS A 46 -7.57 18.34 -16.23
C HIS A 46 -8.78 17.48 -15.80
N GLY A 47 -8.56 16.21 -15.52
CA GLY A 47 -9.72 15.28 -15.38
C GLY A 47 -10.58 15.56 -14.15
N ILE A 48 -9.93 15.64 -13.00
CA ILE A 48 -10.63 15.92 -11.75
C ILE A 48 -11.23 17.34 -11.75
N PRO A 49 -10.45 18.36 -12.17
CA PRO A 49 -11.09 19.69 -12.23
C PRO A 49 -12.31 19.69 -13.13
N LEU A 50 -12.27 18.97 -14.26
CA LEU A 50 -13.46 18.88 -15.11
C LEU A 50 -14.64 18.23 -14.37
N ALA A 51 -14.38 17.15 -13.61
CA ALA A 51 -15.48 16.51 -12.88
C ALA A 51 -16.07 17.45 -11.81
N GLN A 52 -15.22 18.22 -11.16
CA GLN A 52 -15.68 19.25 -10.24
C GLN A 52 -16.53 20.33 -10.93
N LYS A 53 -16.14 20.73 -12.14
CA LYS A 53 -16.94 21.72 -12.88
C LYS A 53 -18.34 21.19 -13.18
N VAL A 54 -18.42 19.91 -13.54
CA VAL A 54 -19.73 19.25 -13.81
C VAL A 54 -20.57 19.23 -12.57
N ARG A 55 -19.96 18.82 -11.45
CA ARG A 55 -20.64 18.81 -10.15
C ARG A 55 -21.22 20.20 -9.83
N ALA A 56 -20.44 21.26 -10.06
CA ALA A 56 -20.86 22.64 -9.76
C ALA A 56 -21.92 23.17 -10.75
N ALA A 57 -21.95 22.63 -11.96
CA ALA A 57 -22.84 23.13 -13.04
C ALA A 57 -24.26 22.54 -12.99
N PHE A 58 -24.38 21.31 -12.50
CA PHE A 58 -25.65 20.59 -12.50
C PHE A 58 -26.05 20.21 -11.09
N PRO A 59 -27.36 20.14 -10.81
CA PRO A 59 -27.84 19.83 -9.49
C PRO A 59 -27.69 18.36 -9.15
N GLU A 60 -27.54 18.05 -7.86
CA GLU A 60 -27.36 16.67 -7.37
C GLU A 60 -28.55 15.81 -7.74
N ASP A 61 -29.73 16.41 -7.74
CA ASP A 61 -30.95 15.65 -7.98
C ASP A 61 -31.05 15.14 -9.41
N LYS A 62 -30.27 15.73 -10.30
CA LYS A 62 -30.45 15.49 -11.71
C LYS A 62 -29.26 14.73 -12.28
N VAL A 63 -28.07 15.04 -11.77
CA VAL A 63 -26.81 14.50 -12.31
C VAL A 63 -25.97 14.01 -11.13
N ALA A 64 -25.60 12.73 -11.15
CA ALA A 64 -24.66 12.15 -10.18
C ALA A 64 -23.26 12.26 -10.77
N VAL A 65 -22.32 12.78 -9.99
CA VAL A 65 -20.87 12.76 -10.35
C VAL A 65 -20.07 11.84 -9.41
N LEU A 66 -19.44 10.81 -9.98
CA LEU A 66 -18.63 9.84 -9.22
C LEU A 66 -17.21 9.81 -9.74
N GLY A 67 -16.27 9.64 -8.79
CA GLY A 67 -14.88 9.37 -9.13
C GLY A 67 -14.67 7.87 -9.05
N LEU A 68 -13.84 7.34 -9.93
CA LEU A 68 -13.50 5.93 -9.85
C LEU A 68 -11.97 5.85 -9.89
N HIS A 69 -11.36 5.43 -8.80
CA HIS A 69 -9.92 5.37 -8.71
C HIS A 69 -9.45 4.04 -9.32
N THR A 70 -9.02 4.11 -10.59
CA THR A 70 -8.59 2.93 -11.36
C THR A 70 -7.06 2.82 -11.43
N VAL A 71 -6.46 2.16 -10.44
CA VAL A 71 -5.00 2.09 -10.38
C VAL A 71 -4.54 0.88 -11.21
N PHE A 72 -3.84 1.14 -12.29
CA PHE A 72 -3.34 0.05 -13.16
C PHE A 72 -1.80 0.01 -13.22
N GLU A 73 -1.14 0.90 -12.47
CA GLU A 73 0.34 0.89 -12.37
C GLU A 73 0.77 1.49 -11.03
N HIS A 74 2.01 1.30 -10.61
CA HIS A 74 2.49 1.83 -9.32
C HIS A 74 1.49 1.57 -8.20
N HIS A 75 0.96 0.35 -8.10
CA HIS A 75 -0.13 0.06 -7.17
C HIS A 75 0.16 0.45 -5.72
N GLU A 76 1.42 0.20 -5.31
CA GLU A 76 1.84 0.44 -3.93
C GLU A 76 1.92 1.93 -3.57
N ALA A 77 1.94 2.80 -4.56
CA ALA A 77 2.06 4.24 -4.38
C ALA A 77 0.68 4.89 -4.28
N MSE A 78 -0.37 4.15 -4.66
CA MSE A 78 -1.74 4.72 -4.76
C MSE A 78 -2.77 3.87 -4.02
O MSE A 78 -3.92 3.74 -4.49
CB MSE A 78 -2.19 4.90 -6.21
CG MSE A 78 -1.21 5.67 -7.07
SE MSE A 78 -1.94 6.12 -8.78
CE MSE A 78 -0.54 5.44 -9.87
N THR A 79 -2.38 3.31 -2.87
CA THR A 79 -3.29 2.53 -2.04
C THR A 79 -4.36 3.45 -1.41
N PRO A 80 -5.45 2.85 -0.90
CA PRO A 80 -6.53 3.65 -0.30
C PRO A 80 -6.07 4.66 0.76
N ILE A 81 -5.06 4.33 1.57
CA ILE A 81 -4.51 5.30 2.53
C ILE A 81 -3.97 6.60 1.84
N SER A 82 -3.30 6.44 0.72
CA SER A 82 -2.82 7.58 -0.07
C SER A 82 -3.98 8.33 -0.71
N LEU A 83 -4.94 7.57 -1.26
CA LEU A 83 -6.11 8.20 -1.91
C LEU A 83 -6.90 9.08 -0.92
N LYS A 84 -7.15 8.56 0.29
CA LYS A 84 -7.83 9.33 1.33
C LYS A 84 -7.16 10.70 1.56
N ALA A 85 -5.83 10.71 1.67
CA ALA A 85 -5.10 11.96 1.90
C ALA A 85 -5.22 12.88 0.70
N PHE A 86 -5.15 12.29 -0.49
CA PHE A 86 -5.23 13.02 -1.75
C PHE A 86 -6.59 13.71 -1.89
N LEU A 87 -7.65 12.97 -1.59
CA LEU A 87 -9.00 13.57 -1.64
C LEU A 87 -9.15 14.71 -0.65
N HIS A 88 -8.60 14.53 0.54
CA HIS A 88 -8.61 15.56 1.56
C HIS A 88 -7.83 16.79 1.10
N GLU A 89 -6.60 16.59 0.61
CA GLU A 89 -5.73 17.71 0.23
C GLU A 89 -6.23 18.48 -0.96
N TYR A 90 -6.87 17.78 -1.89
CA TYR A 90 -7.47 18.43 -3.06
C TYR A 90 -8.94 18.83 -2.87
N ARG A 91 -9.50 18.64 -1.66
CA ARG A 91 -10.89 19.02 -1.34
C ARG A 91 -11.90 18.48 -2.33
N ILE A 92 -11.72 17.21 -2.66
CA ILE A 92 -12.64 16.52 -3.52
C ILE A 92 -13.72 15.90 -2.65
N LYS A 93 -14.97 16.35 -2.85
CA LYS A 93 -16.09 15.97 -1.98
C LYS A 93 -17.11 15.02 -2.59
N PHE A 94 -17.09 14.79 -3.91
CA PHE A 94 -18.06 13.84 -4.49
C PHE A 94 -17.63 12.38 -4.25
N PRO A 95 -18.56 11.40 -4.37
CA PRO A 95 -18.16 10.03 -4.01
C PRO A 95 -17.09 9.45 -4.93
N VAL A 96 -16.10 8.76 -4.37
CA VAL A 96 -15.01 8.20 -5.14
C VAL A 96 -14.87 6.76 -4.72
N GLY A 97 -14.92 5.87 -5.70
CA GLY A 97 -14.84 4.44 -5.42
C GLY A 97 -13.49 3.89 -5.82
N VAL A 98 -12.93 3.03 -5.00
CA VAL A 98 -11.64 2.35 -5.34
C VAL A 98 -12.02 1.13 -6.21
N ASP A 99 -11.52 1.08 -7.44
CA ASP A 99 -11.82 -0.02 -8.30
C ASP A 99 -11.12 -1.31 -7.76
N GLN A 100 -11.80 -2.45 -7.83
CA GLN A 100 -11.27 -3.73 -7.29
C GLN A 100 -10.09 -4.22 -8.11
N PRO A 101 -9.12 -4.89 -7.46
CA PRO A 101 -7.91 -5.40 -8.10
C PRO A 101 -8.29 -6.48 -9.10
N GLY A 102 -7.66 -6.42 -10.27
CA GLY A 102 -8.01 -7.32 -11.36
C GLY A 102 -7.13 -8.55 -11.34
N ASP A 103 -7.35 -9.45 -12.29
CA ASP A 103 -6.50 -10.61 -12.48
C ASP A 103 -5.07 -10.16 -12.76
N GLY A 104 -4.92 -9.17 -13.63
CA GLY A 104 -3.62 -8.55 -13.91
C GLY A 104 -3.54 -7.14 -13.34
N ALA A 105 -2.82 -6.26 -14.05
CA ALA A 105 -2.55 -4.90 -13.57
C ALA A 105 -3.81 -4.02 -13.54
N MSE A 106 -4.69 -4.20 -14.52
CA MSE A 106 -5.87 -3.34 -14.61
C MSE A 106 -6.92 -3.80 -13.63
O MSE A 106 -7.18 -5.01 -13.50
CB MSE A 106 -6.50 -3.38 -16.00
CG MSE A 106 -5.69 -2.67 -17.02
SE MSE A 106 -6.68 -2.93 -18.69
CE MSE A 106 -8.19 -2.17 -18.17
N PRO A 107 -7.53 -2.84 -12.92
CA PRO A 107 -8.61 -3.21 -12.00
C PRO A 107 -9.94 -3.56 -12.68
N ARG A 108 -10.87 -4.14 -11.92
CA ARG A 108 -12.05 -4.79 -12.50
C ARG A 108 -13.03 -3.92 -13.30
N THR A 109 -13.42 -2.77 -12.76
CA THR A 109 -14.38 -1.92 -13.45
C THR A 109 -13.77 -1.32 -14.73
N MSE A 110 -12.51 -0.91 -14.62
CA MSE A 110 -11.80 -0.32 -15.75
C MSE A 110 -11.82 -1.32 -16.90
O MSE A 110 -12.09 -0.96 -18.05
CB MSE A 110 -10.33 -0.02 -15.31
CG MSE A 110 -9.57 0.72 -16.42
SE MSE A 110 -7.74 1.08 -15.92
CE MSE A 110 -7.32 2.21 -17.48
N ALA A 111 -11.50 -2.58 -16.58
CA ALA A 111 -11.47 -3.64 -17.59
C ALA A 111 -12.85 -3.95 -18.17
N ALA A 112 -13.85 -4.08 -17.30
CA ALA A 112 -15.22 -4.22 -17.72
C ALA A 112 -15.70 -3.14 -18.71
N TYR A 113 -15.26 -1.90 -18.51
CA TYR A 113 -15.64 -0.82 -19.39
C TYR A 113 -14.68 -0.68 -20.59
N GLN A 114 -13.69 -1.58 -20.65
CA GLN A 114 -12.65 -1.55 -21.68
C GLN A 114 -12.02 -0.16 -21.79
N MSE A 115 -11.69 0.43 -20.65
CA MSE A 115 -11.10 1.78 -20.63
C MSE A 115 -9.65 1.65 -21.13
O MSE A 115 -8.98 0.62 -20.89
CB MSE A 115 -11.13 2.36 -19.23
CG MSE A 115 -12.55 2.61 -18.71
SE MSE A 115 -12.48 3.49 -16.98
CE MSE A 115 -14.23 3.01 -16.33
N ARG A 116 -9.16 2.66 -21.82
CA ARG A 116 -7.88 2.60 -22.52
C ARG A 116 -6.76 3.29 -21.75
N GLY A 117 -7.14 4.01 -20.70
CA GLY A 117 -6.18 4.73 -19.83
C GLY A 117 -6.93 5.73 -18.95
N THR A 118 -6.21 6.64 -18.30
CA THR A 118 -6.79 7.70 -17.48
C THR A 118 -6.20 9.03 -17.93
N PRO A 119 -6.94 10.14 -17.77
CA PRO A 119 -8.32 10.22 -17.29
C PRO A 119 -9.29 9.74 -18.37
N SER A 120 -10.35 9.04 -17.96
CA SER A 120 -11.44 8.69 -18.85
C SER A 120 -12.73 9.20 -18.21
N LEU A 121 -13.68 9.62 -19.03
CA LEU A 121 -14.95 10.14 -18.54
C LEU A 121 -16.09 9.37 -19.20
N LEU A 122 -16.97 8.78 -18.39
CA LEU A 122 -18.08 7.98 -18.89
C LEU A 122 -19.38 8.67 -18.55
N LEU A 123 -20.33 8.61 -19.49
CA LEU A 123 -21.65 9.16 -19.28
C LEU A 123 -22.69 8.04 -19.40
N ILE A 124 -23.46 7.88 -18.33
CA ILE A 124 -24.53 6.90 -18.25
C ILE A 124 -25.88 7.62 -18.21
N ASP A 125 -26.84 7.14 -19.02
CA ASP A 125 -28.19 7.75 -19.06
C ASP A 125 -29.14 7.34 -17.91
N LYS A 126 -30.31 7.97 -17.84
CA LYS A 126 -31.31 7.72 -16.78
C LYS A 126 -31.75 6.25 -16.72
N ALA A 127 -31.61 5.53 -17.84
CA ALA A 127 -31.98 4.12 -17.96
C ALA A 127 -30.85 3.14 -17.63
N GLY A 128 -29.64 3.67 -17.43
CA GLY A 128 -28.51 2.83 -17.06
C GLY A 128 -27.67 2.38 -18.22
N ASP A 129 -27.90 2.94 -19.40
CA ASP A 129 -27.06 2.61 -20.57
C ASP A 129 -25.86 3.56 -20.70
N LEU A 130 -24.71 3.00 -21.08
CA LEU A 130 -23.50 3.80 -21.34
C LEU A 130 -23.72 4.57 -22.64
N ARG A 131 -23.55 5.90 -22.63
CA ARG A 131 -23.85 6.68 -23.82
C ARG A 131 -22.64 7.43 -24.36
N ALA A 132 -21.61 7.62 -23.53
CA ALA A 132 -20.35 8.26 -24.00
C ALA A 132 -19.18 7.75 -23.20
N HIS A 133 -18.00 7.74 -23.79
CA HIS A 133 -16.82 7.21 -23.12
C HIS A 133 -15.69 7.95 -23.73
N HIS A 134 -15.10 8.88 -22.99
CA HIS A 134 -14.06 9.73 -23.54
C HIS A 134 -12.76 9.42 -22.84
N PHE A 135 -11.67 9.35 -23.60
CA PHE A 135 -10.37 9.11 -23.04
C PHE A 135 -9.55 10.36 -23.24
N GLY A 136 -9.07 10.97 -22.17
CA GLY A 136 -8.18 12.14 -22.29
C GLY A 136 -8.96 13.45 -22.32
N ASP A 137 -8.54 14.38 -23.17
CA ASP A 137 -9.12 15.73 -23.23
C ASP A 137 -10.54 15.72 -23.74
N VAL A 138 -11.42 16.41 -23.00
CA VAL A 138 -12.84 16.48 -23.38
C VAL A 138 -13.24 17.95 -23.45
N SER A 139 -13.90 18.34 -24.54
CA SER A 139 -14.42 19.68 -24.73
C SER A 139 -15.56 19.90 -23.73
N GLU A 140 -15.50 20.97 -22.93
CA GLU A 140 -16.57 21.29 -21.98
C GLU A 140 -17.90 21.61 -22.70
N LEU A 141 -17.82 22.32 -23.84
CA LEU A 141 -18.99 22.55 -24.68
C LEU A 141 -19.69 21.25 -25.07
N LEU A 142 -18.91 20.30 -25.64
N LEU A 142 -18.94 20.30 -25.63
CA LEU A 142 -19.44 19.00 -26.07
CA LEU A 142 -19.57 19.04 -26.10
C LEU A 142 -20.02 18.21 -24.93
C LEU A 142 -19.98 18.12 -24.95
N LEU A 143 -19.31 18.21 -23.80
CA LEU A 143 -19.73 17.46 -22.62
C LEU A 143 -21.07 18.00 -22.07
N GLY A 144 -21.15 19.32 -21.93
CA GLY A 144 -22.41 19.93 -21.51
C GLY A 144 -23.54 19.58 -22.47
N ALA A 145 -23.25 19.59 -23.76
CA ALA A 145 -24.24 19.24 -24.80
C ALA A 145 -24.77 17.80 -24.64
N GLU A 146 -23.85 16.86 -24.42
CA GLU A 146 -24.19 15.46 -24.18
C GLU A 146 -25.00 15.27 -22.90
N ILE A 147 -24.58 15.93 -21.81
CA ILE A 147 -25.32 15.81 -20.54
C ILE A 147 -26.76 16.35 -20.69
N ALA A 148 -26.88 17.48 -21.39
CA ALA A 148 -28.21 18.08 -21.63
C ALA A 148 -29.08 17.15 -22.46
N THR A 149 -28.49 16.55 -23.47
CA THR A 149 -29.19 15.58 -24.31
C THR A 149 -29.79 14.47 -23.46
N LEU A 150 -28.99 13.96 -22.53
CA LEU A 150 -29.44 12.85 -21.67
C LEU A 150 -30.42 13.32 -20.61
N LEU A 151 -30.24 14.55 -20.12
CA LEU A 151 -31.20 15.15 -19.16
C LEU A 151 -32.55 15.39 -19.81
N GLY A 152 -32.54 15.68 -21.11
CA GLY A 152 -33.75 15.95 -21.85
C GLY A 152 -34.56 14.71 -22.20
N GLU A 153 -34.06 13.53 -21.86
CA GLU A 153 -34.76 12.30 -22.20
C GLU A 153 -35.71 11.91 -21.07
N ALA A 154 -36.82 11.26 -21.43
CA ALA A 154 -37.82 10.85 -20.44
C ALA A 154 -37.26 9.81 -19.46
N ALA A 155 -37.55 9.98 -18.17
CA ALA A 155 -37.12 9.04 -17.14
C ALA A 155 -37.64 7.62 -17.45
N PRO A 156 -36.88 6.58 -17.03
CA PRO A 156 -37.19 5.20 -17.44
C PRO A 156 -38.51 4.64 -16.91
N ALA B 3 25.84 33.60 12.81
CA ALA B 3 25.00 34.54 11.99
C ALA B 3 23.92 33.84 11.15
N MSE B 4 24.28 33.34 9.97
CA MSE B 4 23.29 32.79 9.02
C MSE B 4 23.65 31.45 8.33
O MSE B 4 23.10 31.12 7.27
CB MSE B 4 22.98 33.85 7.94
CG MSE B 4 24.06 34.88 7.80
SE MSE B 4 23.83 36.21 6.36
CE MSE B 4 21.86 36.16 6.08
N LYS B 5 24.56 30.67 8.92
CA LYS B 5 24.92 29.38 8.32
C LYS B 5 23.68 28.48 8.11
N ALA B 6 23.52 27.92 6.91
CA ALA B 6 22.39 27.03 6.63
C ALA B 6 22.58 25.72 7.37
N PRO B 7 21.56 25.26 8.15
CA PRO B 7 21.68 23.96 8.83
C PRO B 7 21.92 22.79 7.87
N GLU B 8 22.68 21.80 8.30
CA GLU B 8 22.98 20.65 7.47
C GLU B 8 21.68 19.92 7.12
N LEU B 9 21.60 19.40 5.89
CA LEU B 9 20.49 18.54 5.50
C LEU B 9 20.50 17.26 6.32
N GLN B 10 19.32 16.82 6.76
CA GLN B 10 19.18 15.54 7.46
C GLN B 10 18.26 14.68 6.62
N ILE B 11 18.85 13.79 5.81
CA ILE B 11 18.12 13.10 4.73
C ILE B 11 18.06 11.62 5.03
N GLN B 12 16.87 11.04 4.95
CA GLN B 12 16.72 9.60 5.17
C GLN B 12 17.12 8.81 3.92
N GLN B 13 16.75 9.31 2.75
CA GLN B 13 16.98 8.58 1.50
C GLN B 13 17.06 9.60 0.39
N TRP B 14 17.99 9.43 -0.52
CA TRP B 14 18.06 10.29 -1.74
C TRP B 14 17.50 9.60 -2.97
N PHE B 15 16.70 10.33 -3.76
CA PHE B 15 16.30 9.89 -5.09
C PHE B 15 17.02 10.76 -6.16
N ASN B 16 17.13 10.25 -7.39
CA ASN B 16 17.88 10.94 -8.48
C ASN B 16 19.29 11.39 -8.06
N SER B 17 20.03 10.58 -7.34
CA SER B 17 21.38 11.04 -6.96
C SER B 17 22.29 9.86 -6.76
N ALA B 18 23.47 9.87 -7.38
CA ALA B 18 24.41 8.76 -7.18
C ALA B 18 24.92 8.75 -5.74
N THR B 19 25.13 9.94 -5.18
CA THR B 19 25.68 10.08 -3.83
C THR B 19 24.73 10.71 -2.81
N ASP B 20 25.07 10.49 -1.55
N ASP B 20 25.03 10.49 -1.53
CA ASP B 20 24.47 11.17 -0.42
CA ASP B 20 24.33 11.17 -0.44
C ASP B 20 24.99 12.60 -0.42
C ASP B 20 24.87 12.60 -0.32
N LEU B 21 24.25 13.51 -1.06
CA LEU B 21 24.63 14.93 -1.13
C LEU B 21 24.55 15.64 0.21
N THR B 22 25.57 16.45 0.50
CA THR B 22 25.53 17.37 1.63
C THR B 22 25.69 18.78 1.09
N LEU B 23 25.37 19.77 1.92
CA LEU B 23 25.62 21.18 1.54
C LEU B 23 27.12 21.45 1.36
N ALA B 24 27.95 20.81 2.19
CA ALA B 24 29.40 20.93 2.02
C ALA B 24 29.87 20.43 0.66
N ASP B 25 29.28 19.35 0.14
CA ASP B 25 29.58 18.92 -1.24
C ASP B 25 29.34 20.04 -2.25
N LEU B 26 28.36 20.91 -1.96
CA LEU B 26 27.93 21.95 -2.89
C LEU B 26 28.50 23.35 -2.63
N ARG B 27 29.46 23.46 -1.71
CA ARG B 27 30.13 24.76 -1.46
C ARG B 27 30.65 25.36 -2.75
N GLY B 28 30.47 26.66 -2.92
CA GLY B 28 30.91 27.31 -4.16
C GLY B 28 29.80 27.45 -5.19
N LYS B 29 28.71 26.68 -5.05
CA LYS B 29 27.52 26.85 -5.87
C LYS B 29 26.43 27.58 -5.09
N VAL B 30 25.54 28.26 -5.81
CA VAL B 30 24.31 28.75 -5.23
C VAL B 30 23.35 27.55 -5.17
N ILE B 31 22.67 27.38 -4.04
CA ILE B 31 21.83 26.19 -3.85
C ILE B 31 20.40 26.65 -3.68
N VAL B 32 19.51 26.06 -4.49
CA VAL B 32 18.07 26.30 -4.42
C VAL B 32 17.41 25.02 -3.95
N ILE B 33 16.74 25.12 -2.80
CA ILE B 33 16.05 23.97 -2.23
C ILE B 33 14.54 24.20 -2.27
N GLU B 34 13.85 23.29 -2.94
CA GLU B 34 12.41 23.31 -2.98
C GLU B 34 11.89 22.29 -1.98
N ALA B 35 11.30 22.79 -0.90
CA ALA B 35 10.73 21.91 0.13
C ALA B 35 9.24 21.73 -0.16
N PHE B 36 8.81 20.47 -0.32
CA PHE B 36 7.48 20.18 -0.86
C PHE B 36 6.92 18.91 -0.22
N GLN B 37 5.61 18.73 -0.38
CA GLN B 37 4.93 17.46 -0.09
C GLN B 37 4.24 17.03 -1.40
N MSE B 38 4.36 15.76 -1.73
CA MSE B 38 3.88 15.30 -3.04
C MSE B 38 2.35 15.47 -3.18
O MSE B 38 1.82 15.55 -4.31
CB MSE B 38 4.33 13.85 -3.29
CG MSE B 38 3.74 12.91 -2.26
SE MSE B 38 4.31 11.08 -2.59
CE MSE B 38 2.90 10.61 -3.87
N LEU B 39 1.63 15.48 -2.05
CA LEU B 39 0.18 15.62 -2.10
C LEU B 39 -0.33 17.06 -1.82
N CYS B 40 0.59 18.02 -1.80
CA CYS B 40 0.23 19.42 -1.52
C CYS B 40 -0.08 20.07 -2.87
N PRO B 41 -1.34 20.49 -3.10
CA PRO B 41 -1.69 21.01 -4.42
C PRO B 41 -0.83 22.21 -4.85
N GLY B 42 -0.48 23.08 -3.92
CA GLY B 42 0.41 24.20 -4.25
C GLY B 42 1.83 23.77 -4.68
N CYS B 43 2.35 22.71 -4.11
CA CYS B 43 3.65 22.20 -4.55
C CYS B 43 3.58 21.65 -5.96
N VAL B 44 2.53 20.90 -6.26
CA VAL B 44 2.40 20.26 -7.56
C VAL B 44 2.14 21.31 -8.66
N MSE B 45 1.28 22.28 -8.35
CA MSE B 45 0.89 23.32 -9.29
C MSE B 45 1.96 24.39 -9.49
O MSE B 45 2.18 24.84 -10.63
CB MSE B 45 -0.43 23.93 -8.84
CG MSE B 45 -1.17 24.70 -9.94
SE MSE B 45 -2.98 25.21 -9.36
CE MSE B 45 -3.47 23.58 -8.36
N HIS B 46 2.63 24.81 -8.40
CA HIS B 46 3.53 25.97 -8.48
C HIS B 46 4.94 25.69 -8.03
N GLY B 47 5.08 25.04 -6.88
CA GLY B 47 6.40 24.88 -6.24
C GLY B 47 7.35 24.06 -7.08
N ILE B 48 6.93 22.84 -7.41
CA ILE B 48 7.77 21.96 -8.24
C ILE B 48 8.06 22.55 -9.65
N PRO B 49 7.03 23.03 -10.38
CA PRO B 49 7.30 23.68 -11.66
C PRO B 49 8.28 24.86 -11.55
N LEU B 50 8.20 25.65 -10.48
CA LEU B 50 9.20 26.73 -10.28
C LEU B 50 10.62 26.18 -10.19
N ALA B 51 10.80 25.14 -9.37
CA ALA B 51 12.13 24.52 -9.20
C ALA B 51 12.66 23.98 -10.53
N GLN B 52 11.76 23.37 -11.33
CA GLN B 52 12.12 22.93 -12.70
C GLN B 52 12.54 24.10 -13.60
N LYS B 53 11.86 25.24 -13.48
CA LYS B 53 12.23 26.44 -14.25
C LYS B 53 13.61 26.95 -13.89
N VAL B 54 13.93 26.91 -12.59
CA VAL B 54 15.22 27.34 -12.10
C VAL B 54 16.29 26.41 -12.65
N ARG B 55 16.08 25.11 -12.53
CA ARG B 55 17.00 24.09 -13.05
C ARG B 55 17.29 24.32 -14.53
N ALA B 56 16.25 24.67 -15.28
CA ALA B 56 16.35 24.89 -16.73
C ALA B 56 17.01 26.22 -17.07
N ALA B 57 16.86 27.20 -16.19
CA ALA B 57 17.32 28.56 -16.50
C ALA B 57 18.75 28.87 -16.08
N PHE B 58 19.32 28.07 -15.17
CA PHE B 58 20.67 28.30 -14.70
C PHE B 58 21.48 27.03 -14.90
N PRO B 59 22.80 27.14 -15.11
CA PRO B 59 23.56 25.91 -15.38
C PRO B 59 23.98 25.16 -14.12
N GLU B 60 24.16 23.84 -14.23
CA GLU B 60 24.46 22.96 -13.10
C GLU B 60 25.71 23.38 -12.34
N ASP B 61 26.72 23.82 -13.09
CA ASP B 61 28.02 24.11 -12.50
C ASP B 61 27.97 25.34 -11.59
N LYS B 62 26.96 26.20 -11.77
CA LYS B 62 26.80 27.40 -10.95
C LYS B 62 25.69 27.32 -9.90
N VAL B 63 24.63 26.58 -10.22
CA VAL B 63 23.43 26.51 -9.37
C VAL B 63 22.96 25.06 -9.11
N ALA B 64 22.90 24.66 -7.85
CA ALA B 64 22.36 23.37 -7.49
C ALA B 64 20.88 23.53 -7.18
N VAL B 65 20.06 22.66 -7.76
CA VAL B 65 18.63 22.59 -7.46
C VAL B 65 18.31 21.25 -6.83
N LEU B 66 17.76 21.28 -5.62
CA LEU B 66 17.41 20.09 -4.84
C LEU B 66 15.95 20.14 -4.39
N GLY B 67 15.35 18.96 -4.31
CA GLY B 67 14.03 18.81 -3.73
C GLY B 67 14.22 18.26 -2.34
N LEU B 68 13.37 18.69 -1.41
CA LEU B 68 13.35 18.15 -0.08
C LEU B 68 11.91 17.75 0.25
N HIS B 69 11.65 16.45 0.40
CA HIS B 69 10.29 16.00 0.65
C HIS B 69 10.06 16.04 2.17
N THR B 70 9.34 17.06 2.61
CA THR B 70 9.19 17.34 4.04
C THR B 70 7.78 16.94 4.44
N VAL B 71 7.61 15.66 4.76
CA VAL B 71 6.33 15.10 5.12
C VAL B 71 6.03 15.40 6.58
N PHE B 72 5.08 16.28 6.81
CA PHE B 72 4.73 16.66 8.18
C PHE B 72 3.27 16.36 8.45
N GLU B 73 2.56 15.89 7.41
CA GLU B 73 1.15 15.48 7.58
C GLU B 73 0.85 14.31 6.66
N HIS B 74 -0.20 13.53 6.98
CA HIS B 74 -0.59 12.32 6.22
C HIS B 74 0.63 11.46 5.97
N HIS B 75 1.40 11.18 7.02
CA HIS B 75 2.75 10.61 6.84
C HIS B 75 2.67 9.27 6.08
N GLU B 76 1.75 8.40 6.47
CA GLU B 76 1.58 7.06 5.83
C GLU B 76 1.16 7.10 4.34
N ALA B 77 0.59 8.23 3.91
CA ALA B 77 0.13 8.38 2.53
C ALA B 77 1.27 8.83 1.63
N MSE B 78 2.35 9.35 2.19
CA MSE B 78 3.41 9.97 1.36
C MSE B 78 4.79 9.43 1.66
O MSE B 78 5.79 10.17 1.67
CB MSE B 78 3.45 11.50 1.54
CG MSE B 78 2.13 12.20 1.43
SE MSE B 78 2.52 14.11 1.32
CE MSE B 78 1.13 14.77 2.53
N THR B 79 4.87 8.11 1.90
CA THR B 79 6.15 7.46 2.12
C THR B 79 7.08 7.42 0.87
N PRO B 80 8.37 7.06 1.08
CA PRO B 80 9.27 7.10 -0.06
C PRO B 80 8.85 6.22 -1.26
N ILE B 81 8.17 5.12 -1.00
CA ILE B 81 7.73 4.30 -2.13
C ILE B 81 6.67 5.08 -2.99
N SER B 82 5.83 5.88 -2.34
CA SER B 82 4.90 6.76 -3.08
C SER B 82 5.61 7.86 -3.83
N LEU B 83 6.61 8.43 -3.15
CA LEU B 83 7.39 9.50 -3.74
C LEU B 83 8.15 9.03 -4.99
N LYS B 84 8.68 7.80 -4.95
CA LYS B 84 9.42 7.22 -6.07
C LYS B 84 8.51 7.26 -7.32
N ALA B 85 7.30 6.77 -7.19
CA ALA B 85 6.33 6.82 -8.30
C ALA B 85 5.96 8.23 -8.74
N PHE B 86 5.73 9.13 -7.77
CA PHE B 86 5.50 10.55 -8.03
C PHE B 86 6.54 11.21 -8.95
N LEU B 87 7.80 11.04 -8.58
CA LEU B 87 8.93 11.64 -9.26
C LEU B 87 9.04 11.05 -10.66
N HIS B 88 8.76 9.76 -10.78
CA HIS B 88 8.74 9.13 -12.09
C HIS B 88 7.63 9.70 -12.95
N GLU B 89 6.39 9.68 -12.47
CA GLU B 89 5.23 10.18 -13.26
C GLU B 89 5.27 11.66 -13.61
N TYR B 90 5.82 12.47 -12.73
CA TYR B 90 5.99 13.89 -13.01
C TYR B 90 7.34 14.25 -13.66
N ARG B 91 8.16 13.26 -14.00
N ARG B 91 8.15 13.24 -13.98
CA ARG B 91 9.43 13.51 -14.72
CA ARG B 91 9.42 13.44 -14.68
C ARG B 91 10.34 14.47 -13.97
C ARG B 91 10.32 14.46 -13.97
N ILE B 92 10.50 14.27 -12.67
CA ILE B 92 11.32 15.17 -11.85
C ILE B 92 12.68 14.52 -11.74
N LYS B 93 13.72 15.16 -12.30
CA LYS B 93 15.04 14.52 -12.47
C LYS B 93 16.15 15.03 -11.54
N PHE B 94 15.93 16.17 -10.90
CA PHE B 94 16.96 16.70 -9.99
C PHE B 94 16.96 15.94 -8.65
N PRO B 95 18.05 16.05 -7.86
CA PRO B 95 18.13 15.22 -6.64
C PRO B 95 17.00 15.57 -5.66
N VAL B 96 16.39 14.56 -5.07
CA VAL B 96 15.31 14.80 -4.10
C VAL B 96 15.58 13.98 -2.85
N GLY B 97 15.69 14.67 -1.71
CA GLY B 97 16.00 14.01 -0.44
C GLY B 97 14.74 13.89 0.41
N VAL B 98 14.50 12.69 0.98
CA VAL B 98 13.42 12.51 1.95
C VAL B 98 13.93 13.08 3.27
N ASP B 99 13.22 14.06 3.79
CA ASP B 99 13.61 14.67 5.05
C ASP B 99 13.44 13.59 6.13
N GLN B 100 14.45 13.46 7.01
CA GLN B 100 14.48 12.49 8.10
C GLN B 100 13.27 12.65 9.04
N PRO B 101 12.39 11.63 9.09
CA PRO B 101 11.20 11.79 9.98
C PRO B 101 11.61 12.16 11.42
N GLY B 102 10.84 13.04 12.06
CA GLY B 102 11.19 13.54 13.38
C GLY B 102 10.53 12.70 14.45
N ASP B 103 10.69 13.10 15.71
N ASP B 103 10.74 13.06 15.72
CA ASP B 103 10.02 12.42 16.82
CA ASP B 103 9.99 12.39 16.79
C ASP B 103 8.53 12.77 16.91
C ASP B 103 8.51 12.66 16.56
N GLY B 104 8.18 13.94 16.39
CA GLY B 104 6.81 14.36 16.19
C GLY B 104 6.55 14.51 14.70
N ALA B 105 5.56 15.34 14.39
CA ALA B 105 5.03 15.42 13.03
C ALA B 105 6.06 15.98 12.05
N MSE B 106 6.78 17.04 12.44
CA MSE B 106 7.73 17.66 11.52
C MSE B 106 9.04 16.91 11.40
O MSE B 106 9.63 16.52 12.41
CB MSE B 106 8.09 19.05 11.99
CG MSE B 106 7.08 20.11 11.74
SE MSE B 106 8.00 21.81 12.09
CE MSE B 106 8.13 21.77 14.04
N PRO B 107 9.51 16.72 10.16
CA PRO B 107 10.77 16.05 9.96
C PRO B 107 11.95 16.97 10.29
N ARG B 108 13.15 16.39 10.39
CA ARG B 108 14.27 17.05 11.06
C ARG B 108 14.83 18.28 10.33
N THR B 109 14.96 18.19 9.03
CA THR B 109 15.49 19.38 8.28
C THR B 109 14.46 20.52 8.30
N MSE B 110 13.20 20.18 8.03
CA MSE B 110 12.13 21.17 8.12
C MSE B 110 12.18 21.88 9.48
O MSE B 110 12.19 23.12 9.56
CB MSE B 110 10.76 20.51 7.93
CG MSE B 110 9.61 21.50 8.00
SE MSE B 110 7.89 20.61 7.71
CE MSE B 110 6.72 22.19 7.91
N ALA B 111 12.26 21.11 10.56
CA ALA B 111 12.30 21.70 11.92
C ALA B 111 13.54 22.60 12.12
N ALA B 112 14.71 22.12 11.65
CA ALA B 112 15.97 22.91 11.76
C ALA B 112 15.90 24.25 11.05
N TYR B 113 15.15 24.30 9.95
CA TYR B 113 15.02 25.51 9.14
C TYR B 113 13.81 26.35 9.55
N GLN B 114 13.04 25.85 10.53
CA GLN B 114 11.79 26.48 10.98
C GLN B 114 10.89 26.86 9.83
N MSE B 115 10.67 25.92 8.92
CA MSE B 115 9.75 26.15 7.81
C MSE B 115 8.30 26.21 8.32
O MSE B 115 7.94 25.56 9.30
CB MSE B 115 9.93 25.08 6.75
CG MSE B 115 11.36 24.88 6.37
SE MSE B 115 11.45 23.60 4.89
CE MSE B 115 13.35 23.59 4.74
N ARG B 116 7.49 27.00 7.62
N ARG B 116 7.49 27.01 7.64
CA ARG B 116 6.09 27.20 7.95
CA ARG B 116 6.07 27.17 7.96
C ARG B 116 5.21 26.11 7.31
C ARG B 116 5.22 26.08 7.33
N GLY B 117 5.76 25.40 6.33
CA GLY B 117 4.99 24.39 5.61
C GLY B 117 5.47 24.44 4.19
N THR B 118 4.60 24.03 3.27
CA THR B 118 5.03 23.78 1.89
C THR B 118 4.07 24.44 0.91
N PRO B 119 4.55 24.84 -0.27
CA PRO B 119 5.95 24.87 -0.71
C PRO B 119 6.80 25.98 -0.02
N SER B 120 8.02 25.64 0.32
CA SER B 120 9.00 26.63 0.75
C SER B 120 10.20 26.57 -0.16
N LEU B 121 10.81 27.71 -0.43
CA LEU B 121 11.98 27.78 -1.28
C LEU B 121 13.09 28.44 -0.51
N LEU B 122 14.24 27.77 -0.43
CA LEU B 122 15.40 28.26 0.32
C LEU B 122 16.53 28.51 -0.68
N LEU B 123 17.24 29.63 -0.49
CA LEU B 123 18.42 29.97 -1.28
C LEU B 123 19.62 30.01 -0.37
N ILE B 124 20.62 29.20 -0.69
CA ILE B 124 21.90 29.18 0.04
C ILE B 124 23.02 29.76 -0.85
N ASP B 125 23.87 30.61 -0.27
CA ASP B 125 24.93 31.25 -1.07
C ASP B 125 26.14 30.33 -1.20
N LYS B 126 27.15 30.80 -1.93
CA LYS B 126 28.33 29.99 -2.20
C LYS B 126 29.12 29.59 -0.91
N ALA B 127 28.93 30.35 0.16
CA ALA B 127 29.58 30.07 1.45
C ALA B 127 28.78 29.08 2.30
N GLY B 128 27.54 28.80 1.90
CA GLY B 128 26.69 27.91 2.67
C GLY B 128 25.83 28.62 3.69
N ASP B 129 25.65 29.93 3.52
CA ASP B 129 24.77 30.72 4.40
C ASP B 129 23.37 30.74 3.81
N LEU B 130 22.36 30.64 4.66
CA LEU B 130 20.98 30.76 4.21
C LEU B 130 20.69 32.21 3.89
N ARG B 131 20.24 32.51 2.67
CA ARG B 131 20.06 33.91 2.27
C ARG B 131 18.65 34.35 1.88
N ALA B 132 17.76 33.39 1.60
CA ALA B 132 16.32 33.66 1.40
C ALA B 132 15.57 32.41 1.80
N HIS B 133 14.33 32.61 2.21
CA HIS B 133 13.48 31.53 2.66
C HIS B 133 12.05 31.97 2.31
N HIS B 134 11.53 31.52 1.17
CA HIS B 134 10.20 31.95 0.76
C HIS B 134 9.15 30.87 1.03
N PHE B 135 8.04 31.26 1.63
CA PHE B 135 6.92 30.35 1.87
C PHE B 135 5.79 30.74 0.95
N GLY B 136 5.31 29.79 0.15
CA GLY B 136 4.19 30.02 -0.77
C GLY B 136 4.65 30.56 -2.12
N ASP B 137 3.86 31.46 -2.69
CA ASP B 137 4.10 32.01 -4.05
C ASP B 137 5.35 32.87 -4.09
N VAL B 138 6.13 32.72 -5.16
CA VAL B 138 7.39 33.45 -5.36
C VAL B 138 7.31 34.14 -6.73
N SER B 139 7.57 35.45 -6.76
CA SER B 139 7.82 36.19 -7.99
C SER B 139 9.06 35.64 -8.68
N GLU B 140 8.87 35.17 -9.93
CA GLU B 140 9.98 34.66 -10.71
C GLU B 140 10.99 35.77 -11.00
N LEU B 141 10.49 36.97 -11.29
CA LEU B 141 11.38 38.11 -11.53
C LEU B 141 12.29 38.32 -10.30
N LEU B 142 11.69 38.30 -9.12
CA LEU B 142 12.46 38.64 -7.93
C LEU B 142 13.35 37.49 -7.51
N LEU B 143 12.93 36.25 -7.78
CA LEU B 143 13.75 35.09 -7.45
C LEU B 143 14.99 35.12 -8.34
N GLY B 144 14.79 35.43 -9.62
CA GLY B 144 15.88 35.54 -10.58
C GLY B 144 16.87 36.58 -10.10
N ALA B 145 16.35 37.75 -9.69
CA ALA B 145 17.17 38.82 -9.12
C ALA B 145 18.07 38.34 -7.96
N GLU B 146 17.47 37.63 -7.01
CA GLU B 146 18.17 37.06 -5.85
C GLU B 146 19.21 36.04 -6.25
N ILE B 147 18.87 35.14 -7.16
CA ILE B 147 19.85 34.14 -7.62
C ILE B 147 21.07 34.83 -8.25
N ALA B 148 20.81 35.78 -9.14
CA ALA B 148 21.88 36.60 -9.72
C ALA B 148 22.72 37.31 -8.67
N THR B 149 22.07 37.90 -7.67
CA THR B 149 22.82 38.61 -6.61
C THR B 149 23.82 37.66 -5.96
N LEU B 150 23.36 36.45 -5.66
CA LEU B 150 24.23 35.42 -5.07
C LEU B 150 25.31 34.87 -6.01
N LEU B 151 25.00 34.72 -7.29
CA LEU B 151 26.00 34.29 -8.27
C LEU B 151 27.08 35.36 -8.53
N GLY B 152 26.71 36.61 -8.34
CA GLY B 152 27.68 37.72 -8.48
C GLY B 152 28.58 37.93 -7.28
N GLU B 153 28.40 37.12 -6.21
CA GLU B 153 29.27 37.21 -5.05
C GLU B 153 30.49 36.31 -5.20
N ALA B 154 31.60 36.73 -4.58
CA ALA B 154 32.84 35.95 -4.61
C ALA B 154 32.74 34.59 -3.89
N ALA B 155 33.38 33.56 -4.47
CA ALA B 155 33.51 32.24 -3.85
C ALA B 155 34.45 32.28 -2.64
N PRO B 156 34.10 31.54 -1.56
CA PRO B 156 34.81 31.48 -0.27
C PRO B 156 36.34 31.44 -0.36
N SER C 1 39.84 -14.50 6.73
CA SER C 1 39.09 -14.13 7.98
C SER C 1 37.59 -14.49 7.91
N ASN C 2 37.03 -14.38 6.71
CA ASN C 2 35.58 -14.62 6.49
C ASN C 2 34.64 -13.72 7.36
N ALA C 3 35.02 -12.46 7.47
CA ALA C 3 34.25 -11.48 8.23
C ALA C 3 34.10 -10.23 7.38
N MSE C 4 33.17 -10.29 6.43
CA MSE C 4 32.93 -9.14 5.57
C MSE C 4 32.23 -7.98 6.30
O MSE C 4 31.52 -8.20 7.27
CB MSE C 4 32.17 -9.55 4.30
CG MSE C 4 31.02 -10.53 4.48
SE MSE C 4 30.22 -10.80 2.71
CE MSE C 4 29.10 -9.21 2.71
N LYS C 5 32.44 -6.75 5.83
CA LYS C 5 31.81 -5.62 6.52
C LYS C 5 30.28 -5.64 6.37
N ALA C 6 29.55 -5.30 7.45
CA ALA C 6 28.10 -5.25 7.39
C ALA C 6 27.56 -3.86 6.97
N PRO C 7 26.89 -3.77 5.79
CA PRO C 7 26.39 -2.43 5.38
C PRO C 7 25.44 -1.82 6.43
N GLU C 8 25.46 -0.49 6.54
N GLU C 8 25.45 -0.49 6.53
CA GLU C 8 24.53 0.23 7.42
CA GLU C 8 24.48 0.22 7.38
C GLU C 8 23.06 -0.04 6.98
C GLU C 8 23.05 -0.16 6.97
N LEU C 9 22.16 -0.26 7.93
CA LEU C 9 20.74 -0.49 7.64
C LEU C 9 20.17 0.75 6.96
N GLN C 10 19.42 0.54 5.89
CA GLN C 10 18.69 1.65 5.28
C GLN C 10 17.21 1.38 5.46
N ILE C 11 16.63 2.08 6.43
CA ILE C 11 15.31 1.79 6.96
C ILE C 11 14.42 2.99 6.69
N GLN C 12 13.16 2.71 6.36
CA GLN C 12 12.16 3.75 6.07
C GLN C 12 11.37 4.11 7.37
N GLN C 13 11.07 3.09 8.15
CA GLN C 13 10.47 3.29 9.45
C GLN C 13 10.64 2.05 10.33
N TRP C 14 10.49 2.23 11.64
CA TRP C 14 10.68 1.19 12.64
C TRP C 14 9.37 0.93 13.37
N PHE C 15 9.09 -0.33 13.65
CA PHE C 15 8.01 -0.72 14.57
C PHE C 15 8.64 -1.30 15.84
N ASN C 16 7.98 -1.11 16.98
CA ASN C 16 8.46 -1.68 18.25
C ASN C 16 9.81 -1.12 18.59
N SER C 17 10.06 0.15 18.29
CA SER C 17 11.31 0.78 18.68
C SER C 17 11.10 2.26 18.99
N ALA C 18 11.54 2.68 20.17
CA ALA C 18 11.46 4.09 20.56
C ALA C 18 12.31 4.98 19.66
N THR C 19 13.42 4.45 19.19
CA THR C 19 14.36 5.19 18.34
C THR C 19 14.62 4.57 16.96
N ASP C 20 15.28 5.36 16.12
N ASP C 20 15.34 5.29 16.11
CA ASP C 20 15.79 4.93 14.85
CA ASP C 20 15.65 4.81 14.76
C ASP C 20 17.08 4.17 15.15
C ASP C 20 17.01 4.09 14.71
N LEU C 21 16.98 2.85 15.21
CA LEU C 21 18.16 1.98 15.45
C LEU C 21 19.14 1.87 14.31
N THR C 22 20.42 1.93 14.64
CA THR C 22 21.46 1.68 13.65
C THR C 22 22.39 0.58 14.18
N LEU C 23 23.15 -0.01 13.27
CA LEU C 23 24.14 -1.02 13.64
C LEU C 23 25.23 -0.42 14.55
N ALA C 24 25.58 0.85 14.30
CA ALA C 24 26.52 1.58 15.17
C ALA C 24 26.01 1.69 16.62
N ASP C 25 24.72 1.99 16.79
CA ASP C 25 24.06 1.97 18.11
C ASP C 25 24.22 0.65 18.84
N LEU C 26 24.40 -0.44 18.08
CA LEU C 26 24.35 -1.79 18.65
C LEU C 26 25.75 -2.41 18.75
N ARG C 27 26.77 -1.62 18.44
N ARG C 27 26.77 -1.60 18.44
CA ARG C 27 28.17 -2.01 18.60
CA ARG C 27 28.18 -1.94 18.63
C ARG C 27 28.39 -2.65 19.97
C ARG C 27 28.41 -2.63 19.97
N GLY C 28 29.07 -3.79 19.96
CA GLY C 28 29.37 -4.53 21.21
C GLY C 28 28.39 -5.64 21.56
N LYS C 29 27.20 -5.60 20.94
CA LYS C 29 26.24 -6.71 21.00
C LYS C 29 26.40 -7.54 19.74
N VAL C 30 26.16 -8.83 19.89
CA VAL C 30 25.96 -9.70 18.74
C VAL C 30 24.55 -9.34 18.23
N ILE C 31 24.41 -9.22 16.92
CA ILE C 31 23.13 -8.81 16.34
C ILE C 31 22.62 -9.92 15.43
N VAL C 32 21.36 -10.31 15.63
CA VAL C 32 20.70 -11.29 14.77
C VAL C 32 19.63 -10.54 14.00
N ILE C 33 19.69 -10.58 12.68
CA ILE C 33 18.68 -9.95 11.85
C ILE C 33 17.90 -10.99 11.06
N GLU C 34 16.58 -10.94 11.21
CA GLU C 34 15.70 -11.82 10.45
C GLU C 34 15.04 -10.97 9.36
N ALA C 35 15.40 -11.24 8.10
CA ALA C 35 14.85 -10.55 6.95
C ALA C 35 13.73 -11.43 6.44
N PHE C 36 12.55 -10.83 6.30
CA PHE C 36 11.35 -11.60 6.02
C PHE C 36 10.39 -10.74 5.19
N GLN C 37 9.42 -11.42 4.58
CA GLN C 37 8.23 -10.78 4.00
C GLN C 37 7.07 -11.38 4.73
N MSE C 38 6.11 -10.53 5.08
CA MSE C 38 4.98 -10.97 5.90
C MSE C 38 4.10 -12.00 5.19
O MSE C 38 3.50 -12.82 5.86
CB MSE C 38 4.16 -9.75 6.35
CG MSE C 38 3.55 -8.99 5.18
SE MSE C 38 2.51 -7.46 5.84
CE MSE C 38 0.83 -8.42 6.25
N LEU C 39 4.03 -11.99 3.86
CA LEU C 39 3.22 -12.97 3.14
C LEU C 39 4.00 -14.19 2.61
N CYS C 40 5.24 -14.36 3.05
CA CYS C 40 6.03 -15.47 2.60
C CYS C 40 5.84 -16.64 3.56
N PRO C 41 5.31 -17.78 3.05
CA PRO C 41 4.92 -18.85 3.98
C PRO C 41 6.08 -19.37 4.83
N GLY C 42 7.29 -19.43 4.27
CA GLY C 42 8.46 -19.92 5.04
C GLY C 42 8.86 -18.96 6.15
N CYS C 43 8.70 -17.65 5.93
CA CYS C 43 8.93 -16.65 6.99
C CYS C 43 7.97 -16.82 8.16
N VAL C 44 6.71 -17.09 7.84
CA VAL C 44 5.68 -17.20 8.87
C VAL C 44 5.87 -18.54 9.62
N MSE C 45 6.07 -19.61 8.87
CA MSE C 45 6.15 -20.93 9.44
C MSE C 45 7.46 -21.14 10.21
O MSE C 45 7.43 -21.78 11.25
CB MSE C 45 6.03 -21.97 8.34
CG MSE C 45 5.94 -23.39 8.89
SE MSE C 45 5.43 -24.68 7.51
CE MSE C 45 3.98 -23.68 6.64
N HIS C 46 8.58 -20.59 9.71
CA HIS C 46 9.92 -20.91 10.26
C HIS C 46 10.80 -19.73 10.71
N GLY C 47 10.89 -18.70 9.88
CA GLY C 47 11.88 -17.63 10.08
C GLY C 47 11.57 -16.79 11.29
N ILE C 48 10.34 -16.30 11.33
CA ILE C 48 9.87 -15.50 12.45
C ILE C 48 9.85 -16.34 13.76
N PRO C 49 9.31 -17.58 13.75
CA PRO C 49 9.41 -18.34 15.00
C PRO C 49 10.85 -18.57 15.43
N LEU C 50 11.77 -18.72 14.49
CA LEU C 50 13.19 -18.84 14.86
C LEU C 50 13.72 -17.56 15.54
N ALA C 51 13.39 -16.39 14.98
CA ALA C 51 13.83 -15.13 15.55
C ALA C 51 13.30 -14.98 17.00
N GLN C 52 12.06 -15.38 17.23
N GLN C 52 12.04 -15.37 17.19
CA GLN C 52 11.48 -15.32 18.56
CA GLN C 52 11.39 -15.40 18.51
C GLN C 52 12.13 -16.27 19.57
C GLN C 52 12.17 -16.23 19.52
N LYS C 53 12.60 -17.42 19.09
CA LYS C 53 13.36 -18.37 19.92
C LYS C 53 14.70 -17.79 20.32
N VAL C 54 15.39 -17.19 19.34
CA VAL C 54 16.65 -16.52 19.62
C VAL C 54 16.42 -15.43 20.66
N ARG C 55 15.39 -14.62 20.46
CA ARG C 55 15.09 -13.56 21.41
C ARG C 55 14.84 -14.11 22.80
N ALA C 56 14.05 -15.19 22.89
CA ALA C 56 13.77 -15.82 24.17
C ALA C 56 15.03 -16.49 24.76
N ALA C 57 15.91 -17.02 23.91
CA ALA C 57 17.04 -17.82 24.45
C ALA C 57 18.25 -17.02 24.94
N PHE C 58 18.45 -15.81 24.42
CA PHE C 58 19.59 -14.97 24.80
C PHE C 58 19.16 -13.65 25.48
N PRO C 59 20.01 -13.10 26.37
CA PRO C 59 19.60 -11.85 27.01
C PRO C 59 19.76 -10.61 26.13
N GLU C 60 18.85 -9.66 26.31
CA GLU C 60 18.80 -8.41 25.53
C GLU C 60 20.07 -7.60 25.69
N ASP C 61 20.77 -7.76 26.82
CA ASP C 61 21.99 -6.96 27.00
C ASP C 61 23.12 -7.48 26.13
N LYS C 62 23.05 -8.76 25.76
CA LYS C 62 24.13 -9.38 25.01
C LYS C 62 23.82 -9.55 23.53
N VAL C 63 22.56 -9.84 23.22
CA VAL C 63 22.14 -10.15 21.84
C VAL C 63 20.96 -9.24 21.47
N ALA C 64 21.12 -8.51 20.38
CA ALA C 64 19.99 -7.78 19.80
C ALA C 64 19.35 -8.61 18.69
N VAL C 65 18.04 -8.67 18.67
CA VAL C 65 17.31 -9.35 17.61
C VAL C 65 16.43 -8.31 16.92
N LEU C 66 16.59 -8.20 15.61
CA LEU C 66 15.91 -7.20 14.78
C LEU C 66 15.20 -7.92 13.66
N GLY C 67 14.02 -7.43 13.29
CA GLY C 67 13.34 -7.91 12.07
C GLY C 67 13.63 -6.89 10.95
N LEU C 68 13.76 -7.37 9.73
CA LEU C 68 13.90 -6.47 8.60
C LEU C 68 12.85 -6.89 7.54
N HIS C 69 11.85 -6.04 7.33
CA HIS C 69 10.79 -6.37 6.34
C HIS C 69 11.27 -5.95 4.94
N THR C 70 11.67 -6.96 4.16
CA THR C 70 12.35 -6.73 2.86
C THR C 70 11.35 -7.14 1.79
N VAL C 71 10.46 -6.23 1.40
CA VAL C 71 9.42 -6.61 0.47
C VAL C 71 10.01 -6.44 -0.94
N PHE C 72 10.12 -7.52 -1.70
CA PHE C 72 10.72 -7.44 -3.03
C PHE C 72 9.72 -7.86 -4.09
N GLU C 73 8.47 -8.11 -3.68
CA GLU C 73 7.40 -8.47 -4.61
C GLU C 73 6.04 -8.17 -3.98
N HIS C 74 4.99 -8.04 -4.79
CA HIS C 74 3.65 -7.75 -4.25
C HIS C 74 3.72 -6.56 -3.30
N HIS C 75 4.47 -5.51 -3.66
CA HIS C 75 4.73 -4.40 -2.73
C HIS C 75 3.44 -3.80 -2.13
N GLU C 76 2.40 -3.73 -2.96
CA GLU C 76 1.13 -3.11 -2.56
C GLU C 76 0.34 -3.92 -1.53
N ALA C 77 0.71 -5.19 -1.35
CA ALA C 77 0.03 -6.10 -0.45
C ALA C 77 0.66 -6.10 0.95
N MSE C 78 1.88 -5.57 1.05
CA MSE C 78 2.74 -5.72 2.23
C MSE C 78 3.25 -4.35 2.70
O MSE C 78 4.40 -4.24 3.12
CB MSE C 78 3.93 -6.61 1.92
CG MSE C 78 3.53 -8.03 1.41
SE MSE C 78 4.99 -9.24 1.61
CE MSE C 78 4.94 -10.03 -0.18
N THR C 79 2.39 -3.33 2.64
CA THR C 79 2.77 -1.98 3.05
C THR C 79 2.78 -1.88 4.60
N PRO C 80 3.33 -0.78 5.15
CA PRO C 80 3.42 -0.71 6.61
C PRO C 80 2.09 -0.85 7.37
N ILE C 81 0.97 -0.40 6.80
CA ILE C 81 -0.33 -0.55 7.53
C ILE C 81 -0.61 -2.05 7.68
N SER C 82 -0.27 -2.83 6.66
CA SER C 82 -0.42 -4.28 6.72
C SER C 82 0.54 -4.96 7.69
N LEU C 83 1.79 -4.51 7.66
CA LEU C 83 2.82 -5.01 8.56
C LEU C 83 2.50 -4.76 10.02
N LYS C 84 2.02 -3.55 10.34
CA LYS C 84 1.60 -3.22 11.72
C LYS C 84 0.59 -4.26 12.27
N ALA C 85 -0.40 -4.61 11.45
CA ALA C 85 -1.43 -5.59 11.85
C ALA C 85 -0.83 -6.98 11.99
N PHE C 86 0.06 -7.32 11.06
CA PHE C 86 0.75 -8.61 11.12
C PHE C 86 1.60 -8.79 12.39
N LEU C 87 2.33 -7.74 12.76
CA LEU C 87 3.16 -7.79 13.97
C LEU C 87 2.28 -7.91 15.21
N HIS C 88 1.14 -7.24 15.21
CA HIS C 88 0.18 -7.38 16.31
C HIS C 88 -0.37 -8.83 16.41
N GLU C 89 -0.96 -9.34 15.33
CA GLU C 89 -1.57 -10.70 15.34
C GLU C 89 -0.64 -11.80 15.73
N TYR C 90 0.60 -11.69 15.28
CA TYR C 90 1.59 -12.71 15.54
C TYR C 90 2.43 -12.40 16.78
N ARG C 91 2.05 -11.35 17.52
CA ARG C 91 2.77 -10.94 18.73
C ARG C 91 4.30 -10.87 18.58
N ILE C 92 4.74 -10.19 17.53
CA ILE C 92 6.15 -9.95 17.31
C ILE C 92 6.47 -8.62 17.99
N LYS C 93 7.28 -8.69 19.05
CA LYS C 93 7.49 -7.54 19.90
C LYS C 93 8.86 -6.91 19.73
N PHE C 94 9.79 -7.61 19.06
CA PHE C 94 11.13 -7.03 18.83
C PHE C 94 11.14 -5.99 17.68
N PRO C 95 12.17 -5.13 17.61
CA PRO C 95 12.13 -4.05 16.64
C PRO C 95 12.11 -4.59 15.23
N VAL C 96 11.27 -4.00 14.42
CA VAL C 96 11.17 -4.40 13.02
C VAL C 96 11.29 -3.17 12.12
N GLY C 97 12.24 -3.23 11.19
CA GLY C 97 12.52 -2.08 10.30
C GLY C 97 11.98 -2.36 8.92
N VAL C 98 11.30 -1.39 8.29
CA VAL C 98 10.88 -1.55 6.90
C VAL C 98 12.05 -1.09 6.00
N ASP C 99 12.50 -2.01 5.16
CA ASP C 99 13.66 -1.75 4.29
C ASP C 99 13.23 -0.67 3.27
N GLN C 100 14.12 0.28 3.00
CA GLN C 100 13.80 1.35 2.04
C GLN C 100 13.60 0.82 0.61
N PRO C 101 12.69 1.44 -0.14
CA PRO C 101 12.48 1.01 -1.53
C PRO C 101 13.74 1.21 -2.40
N GLY C 102 13.99 0.26 -3.29
CA GLY C 102 15.19 0.29 -4.12
C GLY C 102 14.92 0.97 -5.44
N ASP C 103 15.94 0.98 -6.28
CA ASP C 103 15.85 1.45 -7.64
C ASP C 103 14.90 0.58 -8.42
N GLY C 104 14.96 -0.73 -8.15
CA GLY C 104 14.05 -1.71 -8.75
C GLY C 104 13.17 -2.34 -7.64
N ALA C 105 12.76 -3.58 -7.87
CA ALA C 105 11.92 -4.37 -6.99
C ALA C 105 12.52 -4.59 -5.58
N MSE C 106 13.80 -4.98 -5.54
CA MSE C 106 14.47 -5.31 -4.30
C MSE C 106 14.74 -4.04 -3.48
O MSE C 106 15.23 -3.04 -4.04
CB MSE C 106 15.81 -5.98 -4.63
CG MSE C 106 16.50 -6.59 -3.43
SE MSE C 106 17.87 -7.89 -3.98
CE MSE C 106 16.84 -8.95 -5.23
N PRO C 107 14.46 -4.08 -2.17
CA PRO C 107 14.73 -2.91 -1.35
C PRO C 107 16.22 -2.74 -1.03
N ARG C 108 16.61 -1.61 -0.42
CA ARG C 108 18.02 -1.18 -0.43
C ARG C 108 18.93 -2.04 0.46
N THR C 109 18.47 -2.33 1.68
CA THR C 109 19.31 -3.11 2.61
C THR C 109 19.45 -4.56 2.12
N MSE C 110 18.33 -5.10 1.66
CA MSE C 110 18.36 -6.43 1.06
C MSE C 110 19.39 -6.55 -0.08
O MSE C 110 20.15 -7.52 -0.09
CB MSE C 110 16.98 -6.79 0.49
CG MSE C 110 16.89 -8.27 0.11
SE MSE C 110 15.18 -8.76 -0.68
CE MSE C 110 15.61 -10.63 -1.01
N ALA C 111 19.40 -5.58 -1.00
CA ALA C 111 20.38 -5.56 -2.08
C ALA C 111 21.80 -5.36 -1.56
N ALA C 112 21.99 -4.45 -0.60
CA ALA C 112 23.31 -4.21 -0.01
C ALA C 112 23.90 -5.50 0.58
N TYR C 113 23.02 -6.34 1.14
CA TYR C 113 23.48 -7.57 1.76
C TYR C 113 23.58 -8.76 0.80
N GLN C 114 23.17 -8.54 -0.45
CA GLN C 114 23.15 -9.59 -1.49
C GLN C 114 22.28 -10.78 -1.03
N MSE C 115 21.13 -10.51 -0.44
CA MSE C 115 20.27 -11.61 0.04
C MSE C 115 19.65 -12.32 -1.13
O MSE C 115 19.39 -11.72 -2.17
CB MSE C 115 19.22 -11.09 1.03
CG MSE C 115 19.86 -10.36 2.17
SE MSE C 115 18.38 -9.85 3.41
CE MSE C 115 19.37 -8.65 4.59
N ARG C 116 19.43 -13.61 -0.97
CA ARG C 116 18.89 -14.46 -2.03
C ARG C 116 17.38 -14.54 -1.98
N GLY C 117 16.77 -14.09 -0.88
CA GLY C 117 15.32 -14.22 -0.75
C GLY C 117 15.03 -14.15 0.73
N THR C 118 13.82 -14.58 1.12
CA THR C 118 13.42 -14.60 2.53
C THR C 118 12.87 -16.01 2.82
N PRO C 119 13.00 -16.49 4.07
CA PRO C 119 13.68 -15.77 5.14
C PRO C 119 15.20 -15.88 5.03
N SER C 120 15.89 -14.82 5.45
CA SER C 120 17.33 -14.86 5.62
C SER C 120 17.66 -14.46 7.03
N LEU C 121 18.67 -15.10 7.58
CA LEU C 121 19.11 -14.77 8.91
C LEU C 121 20.56 -14.32 8.83
N LEU C 122 20.83 -13.10 9.35
CA LEU C 122 22.17 -12.52 9.30
C LEU C 122 22.69 -12.39 10.71
N LEU C 123 23.98 -12.69 10.90
CA LEU C 123 24.64 -12.56 12.18
C LEU C 123 25.82 -11.62 12.07
N ILE C 124 25.79 -10.59 12.91
CA ILE C 124 26.79 -9.55 12.96
C ILE C 124 27.52 -9.61 14.31
N ASP C 125 28.85 -9.62 14.25
CA ASP C 125 29.64 -9.77 15.48
C ASP C 125 29.69 -8.47 16.27
N LYS C 126 30.29 -8.51 17.46
CA LYS C 126 30.42 -7.33 18.34
C LYS C 126 31.16 -6.16 17.69
N ALA C 127 31.96 -6.44 16.68
CA ALA C 127 32.73 -5.40 15.98
C ALA C 127 32.00 -4.80 14.77
N GLY C 128 30.78 -5.28 14.47
CA GLY C 128 29.99 -4.77 13.35
C GLY C 128 30.22 -5.50 12.04
N ASP C 129 30.95 -6.60 12.07
CA ASP C 129 31.17 -7.39 10.86
C ASP C 129 30.14 -8.49 10.67
N LEU C 130 29.72 -8.68 9.41
CA LEU C 130 28.87 -9.80 9.05
C LEU C 130 29.65 -11.12 9.15
N ARG C 131 29.09 -12.09 9.85
CA ARG C 131 29.79 -13.34 10.13
C ARG C 131 29.01 -14.57 9.69
N ALA C 132 27.69 -14.46 9.55
CA ALA C 132 26.93 -15.55 8.95
C ALA C 132 25.75 -14.97 8.21
N HIS C 133 25.29 -15.70 7.20
CA HIS C 133 24.22 -15.25 6.34
C HIS C 133 23.52 -16.51 5.84
N HIS C 134 22.39 -16.83 6.46
CA HIS C 134 21.65 -18.07 6.17
C HIS C 134 20.39 -17.78 5.41
N PHE C 135 20.15 -18.56 4.36
CA PHE C 135 18.97 -18.40 3.54
C PHE C 135 18.08 -19.63 3.76
N GLY C 136 16.82 -19.44 4.15
CA GLY C 136 15.92 -20.59 4.35
C GLY C 136 16.08 -21.28 5.71
N ASP C 137 16.07 -22.60 5.70
CA ASP C 137 16.00 -23.39 6.94
C ASP C 137 17.33 -23.30 7.68
N VAL C 138 17.26 -23.13 9.00
CA VAL C 138 18.48 -23.00 9.79
C VAL C 138 18.46 -23.98 10.97
N SER C 139 19.55 -24.72 11.11
CA SER C 139 19.76 -25.58 12.27
C SER C 139 19.88 -24.73 13.54
N GLU C 140 18.95 -24.93 14.46
CA GLU C 140 19.02 -24.28 15.77
C GLU C 140 20.29 -24.63 16.57
N LEU C 141 20.72 -25.89 16.53
CA LEU C 141 22.00 -26.26 17.16
C LEU C 141 23.16 -25.46 16.57
N LEU C 142 23.19 -25.35 15.25
CA LEU C 142 24.37 -24.68 14.64
C LEU C 142 24.32 -23.17 14.81
N LEU C 143 23.11 -22.60 14.76
CA LEU C 143 22.93 -21.16 15.02
C LEU C 143 23.29 -20.77 16.46
N GLY C 144 22.85 -21.58 17.42
CA GLY C 144 23.21 -21.37 18.83
C GLY C 144 24.73 -21.44 19.02
N ALA C 145 25.38 -22.39 18.34
CA ALA C 145 26.84 -22.49 18.34
C ALA C 145 27.50 -21.21 17.76
N GLU C 146 26.98 -20.72 16.63
CA GLU C 146 27.55 -19.51 16.02
C GLU C 146 27.38 -18.29 16.92
N ILE C 147 26.21 -18.15 17.55
CA ILE C 147 25.97 -17.02 18.47
C ILE C 147 26.92 -17.08 19.69
N ALA C 148 27.10 -18.27 20.24
CA ALA C 148 28.06 -18.44 21.35
C ALA C 148 29.48 -18.07 20.96
N THR C 149 29.90 -18.47 19.77
CA THR C 149 31.25 -18.15 19.30
C THR C 149 31.47 -16.64 19.26
N LEU C 150 30.48 -15.94 18.73
CA LEU C 150 30.50 -14.48 18.63
C LEU C 150 30.43 -13.81 20.01
N LEU C 151 29.59 -14.36 20.89
CA LEU C 151 29.54 -13.90 22.27
C LEU C 151 30.84 -14.17 23.03
N GLY C 152 31.57 -15.21 22.61
CA GLY C 152 32.86 -15.56 23.22
C GLY C 152 34.00 -14.60 22.91
N GLU C 153 33.82 -13.79 21.87
CA GLU C 153 34.84 -12.86 21.39
C GLU C 153 34.91 -11.60 22.27
N ALA C 154 36.10 -11.02 22.35
CA ALA C 154 36.36 -9.86 23.19
C ALA C 154 35.63 -8.66 22.62
N ALA C 155 35.14 -7.79 23.53
CA ALA C 155 34.47 -6.55 23.17
C ALA C 155 35.43 -5.66 22.37
N PRO C 156 34.90 -4.78 21.50
CA PRO C 156 35.76 -3.81 20.79
C PRO C 156 35.95 -2.53 21.61
N SER C 157 36.77 -1.62 21.08
CA SER C 157 37.00 -0.23 21.58
C SER C 157 38.48 0.02 21.79
N SER D 1 -37.41 -27.89 7.41
CA SER D 1 -36.79 -29.14 7.89
C SER D 1 -36.21 -28.98 9.31
N ASN D 2 -35.55 -30.04 9.76
CA ASN D 2 -34.56 -30.11 10.82
C ASN D 2 -33.66 -28.88 11.02
N ALA D 3 -33.26 -28.32 9.89
CA ALA D 3 -32.03 -27.56 9.80
C ALA D 3 -32.38 -26.26 9.09
N MSE D 4 -31.77 -25.18 9.55
CA MSE D 4 -31.99 -23.85 9.01
C MSE D 4 -31.42 -23.73 7.60
O MSE D 4 -30.30 -24.19 7.32
CB MSE D 4 -31.30 -22.85 9.91
CG MSE D 4 -31.34 -21.41 9.39
SE MSE D 4 -30.13 -20.27 10.43
CE MSE D 4 -31.34 -20.21 11.97
N LYS D 5 -32.19 -23.13 6.71
CA LYS D 5 -31.68 -22.81 5.37
C LYS D 5 -30.44 -21.89 5.49
N ALA D 6 -29.35 -22.25 4.83
CA ALA D 6 -28.11 -21.40 4.82
C ALA D 6 -28.37 -20.05 4.16
N PRO D 7 -28.09 -18.94 4.87
CA PRO D 7 -28.32 -17.63 4.27
C PRO D 7 -27.44 -17.39 3.03
N GLU D 8 -27.95 -16.62 2.07
CA GLU D 8 -27.22 -16.35 0.82
C GLU D 8 -25.91 -15.69 1.17
N LEU D 9 -24.88 -16.04 0.42
CA LEU D 9 -23.57 -15.33 0.56
C LEU D 9 -23.68 -13.88 0.09
N GLN D 10 -23.05 -12.96 0.83
CA GLN D 10 -22.99 -11.57 0.37
C GLN D 10 -21.53 -11.26 0.09
N ILE D 11 -21.16 -11.35 -1.19
CA ILE D 11 -19.73 -11.35 -1.57
C ILE D 11 -19.39 -10.08 -2.35
N GLN D 12 -18.32 -9.37 -1.93
CA GLN D 12 -17.91 -8.15 -2.65
C GLN D 12 -17.16 -8.55 -3.91
N GLN D 13 -16.30 -9.58 -3.83
CA GLN D 13 -15.44 -9.95 -4.94
C GLN D 13 -15.05 -11.42 -4.83
N TRP D 14 -15.02 -12.14 -5.95
CA TRP D 14 -14.53 -13.54 -5.95
C TRP D 14 -13.14 -13.64 -6.56
N PHE D 15 -12.27 -14.41 -5.92
CA PHE D 15 -10.96 -14.81 -6.45
C PHE D 15 -11.01 -16.30 -6.80
N ASN D 16 -10.22 -16.73 -7.79
CA ASN D 16 -10.18 -18.14 -8.22
C ASN D 16 -11.52 -18.65 -8.73
N SER D 17 -12.29 -17.79 -9.38
CA SER D 17 -13.61 -18.19 -9.89
C SER D 17 -13.99 -17.42 -11.13
N ALA D 18 -14.37 -18.16 -12.16
CA ALA D 18 -14.81 -17.59 -13.42
C ALA D 18 -16.15 -16.86 -13.26
N THR D 19 -16.99 -17.31 -12.32
CA THR D 19 -18.31 -16.69 -12.13
C THR D 19 -18.48 -16.17 -10.70
N ASP D 20 -19.50 -15.34 -10.53
N ASP D 20 -19.47 -15.31 -10.49
CA ASP D 20 -20.02 -14.94 -9.22
CA ASP D 20 -19.80 -14.94 -9.11
C ASP D 20 -20.77 -16.12 -8.62
C ASP D 20 -20.71 -16.00 -8.51
N LEU D 21 -20.08 -16.97 -7.85
CA LEU D 21 -20.74 -18.16 -7.27
C LEU D 21 -21.82 -17.85 -6.22
N THR D 22 -22.90 -18.62 -6.21
CA THR D 22 -23.93 -18.50 -5.17
C THR D 22 -24.19 -19.90 -4.59
N LEU D 23 -24.73 -19.98 -3.37
CA LEU D 23 -25.21 -21.27 -2.82
C LEU D 23 -26.24 -21.95 -3.72
N ALA D 24 -27.11 -21.16 -4.34
CA ALA D 24 -28.07 -21.71 -5.31
C ALA D 24 -27.36 -22.40 -6.50
N ASP D 25 -26.29 -21.81 -7.02
CA ASP D 25 -25.43 -22.46 -8.04
C ASP D 25 -24.96 -23.84 -7.65
N LEU D 26 -24.76 -24.06 -6.36
CA LEU D 26 -24.17 -25.31 -5.87
C LEU D 26 -25.18 -26.31 -5.25
N ARG D 27 -26.47 -26.05 -5.41
CA ARG D 27 -27.49 -26.98 -4.94
C ARG D 27 -27.19 -28.37 -5.49
N GLY D 28 -27.32 -29.39 -4.65
CA GLY D 28 -26.96 -30.75 -5.06
C GLY D 28 -25.54 -31.20 -4.74
N LYS D 29 -24.68 -30.28 -4.30
CA LYS D 29 -23.36 -30.63 -3.80
C LYS D 29 -23.31 -30.32 -2.30
N VAL D 30 -22.49 -31.05 -1.57
CA VAL D 30 -22.19 -30.69 -0.18
C VAL D 30 -21.23 -29.50 -0.29
N ILE D 31 -21.43 -28.49 0.55
CA ILE D 31 -20.59 -27.28 0.50
C ILE D 31 -19.85 -27.12 1.80
N VAL D 32 -18.53 -26.93 1.69
CA VAL D 32 -17.68 -26.67 2.84
C VAL D 32 -17.19 -25.24 2.69
N ILE D 33 -17.44 -24.40 3.70
CA ILE D 33 -17.00 -23.03 3.63
C ILE D 33 -16.02 -22.78 4.78
N GLU D 34 -14.81 -22.33 4.44
CA GLU D 34 -13.80 -21.95 5.43
C GLU D 34 -13.76 -20.43 5.52
N ALA D 35 -14.26 -19.91 6.64
CA ALA D 35 -14.26 -18.48 6.91
C ALA D 35 -12.96 -18.16 7.65
N PHE D 36 -12.20 -17.21 7.12
CA PHE D 36 -10.85 -16.97 7.62
C PHE D 36 -10.48 -15.49 7.46
N GLN D 37 -9.43 -15.07 8.17
CA GLN D 37 -8.79 -13.77 7.95
C GLN D 37 -7.35 -14.08 7.63
N MSE D 38 -6.79 -13.42 6.62
CA MSE D 38 -5.43 -13.78 6.12
C MSE D 38 -4.31 -13.52 7.13
O MSE D 38 -3.17 -14.08 7.01
CB MSE D 38 -5.14 -13.06 4.82
CG MSE D 38 -5.25 -11.55 4.98
SE MSE D 38 -4.78 -10.62 3.30
CE MSE D 38 -2.81 -10.68 3.46
N LEU D 39 -4.59 -12.66 8.12
CA LEU D 39 -3.58 -12.32 9.13
C LEU D 39 -3.84 -13.01 10.45
N CYS D 40 -4.81 -13.91 10.46
CA CYS D 40 -5.14 -14.67 11.65
C CYS D 40 -4.25 -15.94 11.74
N PRO D 41 -3.37 -16.02 12.76
CA PRO D 41 -2.37 -17.13 12.81
C PRO D 41 -3.01 -18.52 12.73
N GLY D 42 -4.13 -18.70 13.42
CA GLY D 42 -4.84 -19.99 13.45
C GLY D 42 -5.43 -20.34 12.10
N CYS D 43 -5.93 -19.33 11.37
CA CYS D 43 -6.38 -19.55 9.98
C CYS D 43 -5.26 -20.05 9.07
N VAL D 44 -4.10 -19.40 9.16
CA VAL D 44 -2.97 -19.74 8.31
C VAL D 44 -2.40 -21.12 8.69
N MSE D 45 -2.27 -21.37 9.98
CA MSE D 45 -1.72 -22.63 10.48
C MSE D 45 -2.67 -23.84 10.43
O MSE D 45 -2.22 -24.97 10.20
CB MSE D 45 -1.25 -22.45 11.92
CG MSE D 45 -0.36 -23.56 12.47
SE MSE D 45 0.32 -23.09 14.28
CE MSE D 45 0.46 -21.10 14.10
N HIS D 46 -3.97 -23.63 10.67
CA HIS D 46 -4.91 -24.76 10.83
C HIS D 46 -6.09 -24.72 9.91
N GLY D 47 -6.76 -23.56 9.82
CA GLY D 47 -8.03 -23.47 9.07
C GLY D 47 -7.90 -23.67 7.55
N ILE D 48 -7.01 -22.91 6.93
CA ILE D 48 -6.79 -23.05 5.49
C ILE D 48 -6.19 -24.42 5.14
N PRO D 49 -5.17 -24.89 5.90
CA PRO D 49 -4.71 -26.27 5.60
C PRO D 49 -5.82 -27.34 5.68
N LEU D 50 -6.73 -27.19 6.63
CA LEU D 50 -7.89 -28.09 6.73
C LEU D 50 -8.77 -28.01 5.47
N ALA D 51 -9.10 -26.78 5.05
CA ALA D 51 -9.88 -26.63 3.81
C ALA D 51 -9.21 -27.32 2.60
N GLN D 52 -7.90 -27.14 2.48
CA GLN D 52 -7.13 -27.77 1.43
C GLN D 52 -7.14 -29.31 1.58
N LYS D 53 -7.06 -29.82 2.81
CA LYS D 53 -7.16 -31.28 3.06
C LYS D 53 -8.51 -31.81 2.57
N VAL D 54 -9.61 -31.10 2.90
CA VAL D 54 -10.95 -31.45 2.36
C VAL D 54 -11.00 -31.44 0.83
N ARG D 55 -10.47 -30.38 0.20
CA ARG D 55 -10.49 -30.26 -1.25
C ARG D 55 -9.74 -31.44 -1.89
N ALA D 56 -8.65 -31.87 -1.26
CA ALA D 56 -7.80 -32.99 -1.76
C ALA D 56 -8.45 -34.35 -1.54
N ALA D 57 -9.20 -34.51 -0.44
CA ALA D 57 -9.83 -35.80 -0.10
C ALA D 57 -11.13 -36.13 -0.85
N PHE D 58 -11.86 -35.13 -1.33
CA PHE D 58 -13.21 -35.30 -1.93
C PHE D 58 -13.26 -34.73 -3.36
N PRO D 59 -13.95 -35.42 -4.30
CA PRO D 59 -13.98 -34.95 -5.70
C PRO D 59 -14.71 -33.61 -5.86
N GLU D 60 -14.31 -32.81 -6.86
CA GLU D 60 -14.93 -31.52 -7.18
C GLU D 60 -16.42 -31.65 -7.46
N ASP D 61 -16.80 -32.78 -8.06
N ASP D 61 -16.82 -32.77 -8.04
CA ASP D 61 -18.18 -33.00 -8.47
CA ASP D 61 -18.20 -32.94 -8.45
C ASP D 61 -19.14 -33.27 -7.31
C ASP D 61 -19.16 -33.31 -7.30
N LYS D 62 -18.61 -33.72 -6.17
CA LYS D 62 -19.45 -34.02 -5.01
C LYS D 62 -19.41 -32.99 -3.89
N VAL D 63 -18.26 -32.33 -3.72
CA VAL D 63 -18.05 -31.45 -2.58
C VAL D 63 -17.45 -30.15 -3.11
N ALA D 64 -18.14 -29.04 -2.87
CA ALA D 64 -17.58 -27.73 -3.14
C ALA D 64 -16.81 -27.18 -1.92
N VAL D 65 -15.63 -26.61 -2.15
CA VAL D 65 -14.88 -26.00 -1.05
C VAL D 65 -14.68 -24.54 -1.39
N LEU D 66 -15.14 -23.67 -0.50
CA LEU D 66 -15.05 -22.24 -0.72
C LEU D 66 -14.34 -21.60 0.46
N GLY D 67 -13.59 -20.56 0.18
CA GLY D 67 -13.05 -19.70 1.23
C GLY D 67 -13.90 -18.44 1.33
N LEU D 68 -14.04 -17.91 2.53
CA LEU D 68 -14.75 -16.68 2.72
C LEU D 68 -13.87 -15.79 3.57
N HIS D 69 -13.34 -14.71 3.00
CA HIS D 69 -12.47 -13.81 3.76
C HIS D 69 -13.34 -12.83 4.54
N THR D 70 -13.51 -13.10 5.84
CA THR D 70 -14.44 -12.34 6.68
C THR D 70 -13.61 -11.38 7.51
N VAL D 71 -13.37 -10.19 6.99
CA VAL D 71 -12.48 -9.26 7.67
C VAL D 71 -13.27 -8.45 8.68
N PHE D 72 -13.05 -8.70 9.97
CA PHE D 72 -13.78 -7.98 11.03
C PHE D 72 -12.89 -7.18 11.99
N GLU D 73 -11.58 -7.16 11.73
CA GLU D 73 -10.65 -6.28 12.44
C GLU D 73 -9.47 -5.94 11.51
N HIS D 74 -8.69 -4.92 11.86
CA HIS D 74 -7.53 -4.51 11.01
C HIS D 74 -7.96 -4.42 9.55
N HIS D 75 -9.15 -3.83 9.30
CA HIS D 75 -9.78 -3.87 7.97
C HIS D 75 -8.82 -3.34 6.91
N GLU D 76 -8.21 -2.20 7.17
CA GLU D 76 -7.30 -1.55 6.21
C GLU D 76 -6.05 -2.37 5.89
N ALA D 77 -5.75 -3.36 6.72
CA ALA D 77 -4.53 -4.17 6.60
C ALA D 77 -4.78 -5.41 5.75
N MSE D 78 -6.05 -5.74 5.52
CA MSE D 78 -6.33 -7.01 4.85
C MSE D 78 -7.28 -6.84 3.69
O MSE D 78 -8.18 -7.65 3.51
CB MSE D 78 -6.90 -8.06 5.82
CG MSE D 78 -6.10 -8.34 7.07
SE MSE D 78 -7.05 -9.79 8.04
CE MSE D 78 -7.13 -9.02 9.80
N THR D 79 -7.12 -5.76 2.91
CA THR D 79 -8.05 -5.57 1.82
C THR D 79 -7.80 -6.59 0.70
N PRO D 80 -8.67 -6.61 -0.30
CA PRO D 80 -8.50 -7.51 -1.39
C PRO D 80 -7.17 -7.34 -2.13
N ILE D 81 -6.58 -6.14 -2.08
CA ILE D 81 -5.23 -5.89 -2.59
C ILE D 81 -4.26 -6.90 -1.94
N SER D 82 -4.31 -7.02 -0.60
CA SER D 82 -3.40 -7.91 0.15
C SER D 82 -3.84 -9.39 -0.02
N LEU D 83 -5.14 -9.62 -0.07
CA LEU D 83 -5.64 -10.99 -0.26
C LEU D 83 -5.19 -11.57 -1.59
N LYS D 84 -5.25 -10.77 -2.67
CA LYS D 84 -4.79 -11.29 -3.98
C LYS D 84 -3.38 -11.90 -3.84
N ALA D 85 -2.48 -11.15 -3.21
CA ALA D 85 -1.07 -11.58 -3.09
C ALA D 85 -0.96 -12.80 -2.17
N PHE D 86 -1.70 -12.77 -1.06
CA PHE D 86 -1.72 -13.90 -0.10
C PHE D 86 -2.13 -15.23 -0.76
N LEU D 87 -3.22 -15.19 -1.54
CA LEU D 87 -3.69 -16.39 -2.23
C LEU D 87 -2.62 -16.90 -3.18
N HIS D 88 -1.93 -15.99 -3.87
CA HIS D 88 -0.84 -16.38 -4.77
C HIS D 88 0.32 -17.02 -3.99
N GLU D 89 0.81 -16.32 -2.96
CA GLU D 89 1.96 -16.81 -2.15
C GLU D 89 1.64 -18.18 -1.53
N TYR D 90 0.45 -18.34 -0.98
CA TYR D 90 0.10 -19.60 -0.34
C TYR D 90 -0.46 -20.63 -1.33
N ARG D 91 -0.51 -20.30 -2.63
CA ARG D 91 -1.02 -21.24 -3.65
C ARG D 91 -2.38 -21.85 -3.27
N ILE D 92 -3.32 -21.00 -2.87
CA ILE D 92 -4.68 -21.40 -2.60
C ILE D 92 -5.43 -21.23 -3.91
N LYS D 93 -6.02 -22.32 -4.40
CA LYS D 93 -6.62 -22.30 -5.73
C LYS D 93 -8.14 -22.47 -5.74
N PHE D 94 -8.73 -22.77 -4.59
CA PHE D 94 -10.18 -22.91 -4.53
C PHE D 94 -10.84 -21.53 -4.49
N PRO D 95 -12.12 -21.45 -4.90
CA PRO D 95 -12.78 -20.12 -4.93
C PRO D 95 -12.76 -19.42 -3.57
N VAL D 96 -12.41 -18.14 -3.53
CA VAL D 96 -12.40 -17.41 -2.28
C VAL D 96 -13.19 -16.11 -2.45
N GLY D 97 -14.16 -15.88 -1.58
CA GLY D 97 -14.98 -14.70 -1.72
C GLY D 97 -14.66 -13.70 -0.61
N VAL D 98 -14.48 -12.44 -0.97
CA VAL D 98 -14.40 -11.37 0.04
C VAL D 98 -15.80 -11.09 0.58
N ASP D 99 -15.97 -11.23 1.88
CA ASP D 99 -17.22 -10.95 2.52
C ASP D 99 -17.49 -9.43 2.42
N GLN D 100 -18.65 -9.07 1.88
CA GLN D 100 -19.11 -7.64 1.77
C GLN D 100 -18.95 -6.85 3.07
N PRO D 101 -18.10 -5.79 3.08
CA PRO D 101 -17.97 -5.03 4.33
C PRO D 101 -19.32 -4.56 4.89
N GLY D 102 -19.42 -4.57 6.21
CA GLY D 102 -20.69 -4.25 6.83
C GLY D 102 -20.65 -2.78 7.21
N ASP D 103 -21.65 -2.38 7.98
CA ASP D 103 -21.69 -1.04 8.54
C ASP D 103 -20.70 -0.91 9.67
N GLY D 104 -20.69 -1.89 10.57
CA GLY D 104 -19.71 -1.93 11.66
C GLY D 104 -18.51 -2.81 11.31
N ALA D 105 -17.91 -3.44 12.33
CA ALA D 105 -16.65 -4.16 12.12
C ALA D 105 -16.92 -5.43 11.31
N MSE D 106 -18.01 -6.13 11.61
CA MSE D 106 -18.34 -7.43 10.98
C MSE D 106 -18.86 -7.27 9.56
O MSE D 106 -19.75 -6.44 9.34
CB MSE D 106 -19.37 -8.20 11.82
CG MSE D 106 -18.90 -9.50 12.31
SE MSE D 106 -20.22 -10.27 13.52
CE MSE D 106 -20.08 -12.12 13.08
N PRO D 107 -18.32 -8.05 8.59
CA PRO D 107 -18.89 -8.00 7.26
C PRO D 107 -20.21 -8.78 7.24
N ARG D 108 -20.94 -8.68 6.12
CA ARG D 108 -22.36 -9.11 6.07
C ARG D 108 -22.63 -10.61 6.10
N THR D 109 -21.82 -11.42 5.42
CA THR D 109 -22.04 -12.87 5.49
C THR D 109 -21.73 -13.37 6.91
N MSE D 110 -20.64 -12.87 7.48
CA MSE D 110 -20.28 -13.22 8.86
C MSE D 110 -21.42 -12.94 9.84
O MSE D 110 -21.79 -13.82 10.64
CB MSE D 110 -19.04 -12.46 9.33
CG MSE D 110 -18.50 -13.02 10.64
SE MSE D 110 -16.81 -12.14 11.15
CE MSE D 110 -16.38 -13.22 12.77
N ALA D 111 -21.97 -11.73 9.75
CA ALA D 111 -23.09 -11.34 10.61
C ALA D 111 -24.33 -12.20 10.32
N ALA D 112 -24.55 -12.54 9.04
CA ALA D 112 -25.75 -13.34 8.67
C ALA D 112 -25.67 -14.75 9.22
N TYR D 113 -24.45 -15.25 9.39
CA TYR D 113 -24.24 -16.57 9.94
C TYR D 113 -23.95 -16.51 11.45
N GLN D 114 -23.90 -15.31 12.02
CA GLN D 114 -23.58 -15.14 13.46
C GLN D 114 -22.28 -15.89 13.87
N MSE D 115 -21.26 -15.79 13.04
CA MSE D 115 -19.99 -16.48 13.33
C MSE D 115 -19.29 -15.90 14.56
O MSE D 115 -19.44 -14.70 14.86
CB MSE D 115 -19.06 -16.41 12.11
CG MSE D 115 -19.69 -16.97 10.84
SE MSE D 115 -18.36 -16.99 9.44
CE MSE D 115 -19.43 -17.60 7.92
N ARG D 116 -18.56 -16.74 15.28
CA ARG D 116 -17.94 -16.34 16.54
C ARG D 116 -16.56 -15.71 16.32
N GLY D 117 -16.00 -15.87 15.13
CA GLY D 117 -14.63 -15.51 14.88
C GLY D 117 -14.06 -16.36 13.75
N THR D 118 -12.72 -16.38 13.64
CA THR D 118 -12.09 -17.14 12.56
C THR D 118 -10.96 -17.92 13.19
N PRO D 119 -10.67 -19.13 12.68
CA PRO D 119 -11.38 -19.77 11.57
C PRO D 119 -12.73 -20.39 11.99
N SER D 120 -13.70 -20.31 11.10
CA SER D 120 -14.97 -21.02 11.26
C SER D 120 -15.17 -21.89 10.04
N LEU D 121 -15.80 -23.06 10.20
CA LEU D 121 -16.05 -23.96 9.10
C LEU D 121 -17.54 -24.27 9.05
N LEU D 122 -18.17 -24.01 7.91
CA LEU D 122 -19.61 -24.26 7.73
C LEU D 122 -19.82 -25.42 6.78
N LEU D 123 -20.78 -26.27 7.14
CA LEU D 123 -21.18 -27.38 6.30
C LEU D 123 -22.60 -27.21 5.83
N ILE D 124 -22.79 -27.24 4.52
CA ILE D 124 -24.13 -27.06 3.93
C ILE D 124 -24.48 -28.32 3.15
N ASP D 125 -25.69 -28.84 3.36
CA ASP D 125 -26.07 -30.07 2.65
C ASP D 125 -26.52 -29.81 1.20
N LYS D 126 -26.88 -30.90 0.50
CA LYS D 126 -27.22 -30.86 -0.90
C LYS D 126 -28.49 -30.05 -1.12
N ALA D 127 -29.30 -29.92 -0.07
CA ALA D 127 -30.55 -29.14 -0.16
C ALA D 127 -30.39 -27.66 0.21
N GLY D 128 -29.19 -27.26 0.61
CA GLY D 128 -28.93 -25.87 0.98
C GLY D 128 -29.20 -25.52 2.43
N ASP D 129 -29.45 -26.50 3.28
CA ASP D 129 -29.56 -26.27 4.72
C ASP D 129 -28.18 -26.33 5.40
N LEU D 130 -27.97 -25.45 6.38
CA LEU D 130 -26.75 -25.44 7.17
C LEU D 130 -26.83 -26.61 8.15
N ARG D 131 -25.81 -27.46 8.16
CA ARG D 131 -25.84 -28.67 9.00
C ARG D 131 -24.76 -28.69 10.08
N ALA D 132 -23.71 -27.89 9.92
CA ALA D 132 -22.69 -27.79 10.94
C ALA D 132 -22.01 -26.43 10.88
N HIS D 133 -21.62 -25.93 12.03
CA HIS D 133 -20.97 -24.63 12.09
C HIS D 133 -19.92 -24.75 13.17
N HIS D 134 -18.66 -24.89 12.77
CA HIS D 134 -17.58 -25.07 13.75
C HIS D 134 -16.69 -23.86 13.89
N PHE D 135 -16.32 -23.53 15.12
CA PHE D 135 -15.39 -22.44 15.37
C PHE D 135 -14.06 -22.99 15.96
N GLY D 136 -12.92 -22.50 15.46
CA GLY D 136 -11.63 -22.95 15.96
C GLY D 136 -11.23 -24.34 15.47
N ASP D 137 -10.61 -25.15 16.35
CA ASP D 137 -10.09 -26.47 15.95
C ASP D 137 -11.17 -27.47 15.59
N VAL D 138 -11.01 -28.15 14.46
CA VAL D 138 -11.98 -29.16 14.04
C VAL D 138 -11.30 -30.52 13.94
N SER D 139 -11.95 -31.54 14.48
CA SER D 139 -11.52 -32.93 14.31
C SER D 139 -11.68 -33.39 12.86
N GLU D 140 -10.57 -33.79 12.23
CA GLU D 140 -10.65 -34.33 10.87
C GLU D 140 -11.50 -35.62 10.79
N LEU D 141 -11.45 -36.46 11.82
CA LEU D 141 -12.28 -37.65 11.83
C LEU D 141 -13.75 -37.27 11.80
N LEU D 142 -14.12 -36.35 12.69
CA LEU D 142 -15.49 -35.86 12.82
C LEU D 142 -15.94 -35.20 11.52
N LEU D 143 -15.10 -34.33 10.98
CA LEU D 143 -15.43 -33.63 9.74
C LEU D 143 -15.65 -34.60 8.56
N GLY D 144 -14.78 -35.60 8.44
CA GLY D 144 -14.92 -36.63 7.42
C GLY D 144 -16.22 -37.39 7.60
N ALA D 145 -16.55 -37.71 8.85
CA ALA D 145 -17.82 -38.39 9.14
C ALA D 145 -19.06 -37.54 8.74
N GLU D 146 -18.99 -36.24 9.03
CA GLU D 146 -20.08 -35.32 8.75
C GLU D 146 -20.26 -35.17 7.25
N ILE D 147 -19.15 -35.00 6.54
CA ILE D 147 -19.24 -34.89 5.09
C ILE D 147 -19.81 -36.13 4.45
N ALA D 148 -19.40 -37.32 4.91
CA ALA D 148 -19.87 -38.59 4.36
C ALA D 148 -21.36 -38.73 4.57
N THR D 149 -21.83 -38.32 5.74
CA THR D 149 -23.27 -38.39 6.04
C THR D 149 -24.08 -37.55 5.06
N LEU D 150 -23.62 -36.31 4.83
CA LEU D 150 -24.30 -35.42 3.91
C LEU D 150 -24.22 -35.92 2.48
N LEU D 151 -23.07 -36.50 2.13
CA LEU D 151 -22.91 -37.08 0.81
C LEU D 151 -23.83 -38.30 0.64
N GLY D 152 -24.14 -38.99 1.75
CA GLY D 152 -25.03 -40.16 1.73
C GLY D 152 -26.52 -39.90 1.59
N GLU D 153 -26.93 -38.65 1.64
CA GLU D 153 -28.34 -38.29 1.51
C GLU D 153 -28.77 -38.09 0.08
N ALA D 154 -30.04 -38.40 -0.20
CA ALA D 154 -30.67 -38.22 -1.51
C ALA D 154 -30.53 -36.83 -2.11
N ALA D 155 -30.35 -36.78 -3.44
CA ALA D 155 -30.35 -35.54 -4.23
C ALA D 155 -30.88 -34.30 -3.49
C1 EDO E . -18.46 -1.90 -2.66
O1 EDO E . -18.60 -3.32 -2.41
C2 EDO E . -17.62 -1.23 -1.59
O2 EDO E . -18.09 -1.66 -0.30
C1 EDO F . -10.40 -11.79 -9.32
O1 EDO F . -11.48 -11.06 -8.72
C2 EDO F . -9.22 -10.85 -9.53
O2 EDO F . -9.78 -9.59 -9.93
C ACY G . -16.06 18.51 -5.43
O ACY G . -16.59 18.07 -4.45
OXT ACY G . -14.85 18.61 -5.46
CH3 ACY G . -16.91 18.81 -6.61
C ACY H . 13.65 18.44 -13.65
O ACY H . 14.57 17.66 -13.52
OXT ACY H . 12.48 18.10 -13.61
CH3 ACY H . 14.02 19.87 -13.80
C1 EDO I . 17.85 -2.53 -6.14
O1 EDO I . 16.42 -2.56 -6.32
C2 EDO I . 18.22 -1.70 -4.89
O2 EDO I . 18.36 -0.32 -5.27
C ACY J . -6.14 -25.51 -2.86
O ACY J . -5.32 -24.97 -2.19
OXT ACY J . -6.41 -25.07 -3.96
CH3 ACY J . -6.87 -26.69 -2.34
#